data_3FPB
#
_entry.id   3FPB
#
_cell.length_a   175.360
_cell.length_b   69.870
_cell.length_c   143.500
_cell.angle_alpha   90.00
_cell.angle_beta   107.16
_cell.angle_gamma   90.00
#
_symmetry.space_group_name_H-M   'C 1 2 1'
#
loop_
_entity.id
_entity.type
_entity.pdbx_description
1 polymer 'Sarcoplasmic/endoplasmic reticulum calcium ATPase 1'
2 non-polymer 'MAGNESIUM ION'
3 non-polymer TETRAFLUOROMAGNESATE(2-)
4 non-polymer 'POTASSIUM ION'
5 non-polymer "(6AR,11AS,11BR)-10-ACETYL-9-HYDROXY-7,7-DIMETHYL-2,6,6A,7,11A,11B-HEXAHYDRO-11H-PYRROLO[1',2':2,3]ISOINDOLO[4,5,6-CD]INDOL-11-ONE"
6 non-polymer "ADENOSINE-5'-TRIPHOSPHATE"
7 water water
#
_entity_poly.entity_id   1
_entity_poly.type   'polypeptide(L)'
_entity_poly.pdbx_seq_one_letter_code
;MEAAHSKSTEECLAYFGVSETTGLTPDQVKRHLEKYGHNELPAEEGKSLWELVIEQFEDLLVRILLLAACISFVLAWFEE
GEETITAFVEPFVILLILIANAIVGVWQERNAENAIEALKEYEPEMGKVYRADRKSVQRIKARDIVPGDIVEVAVGDKVP
ADIRILSIKSTTLRVDQSILTGESVSVIKHTEPVPDPRAVNQDKKNMLFSGTNIAAGKALGIVATTGVSTEIGKIRDQMA
ATEQDKTPLQQKLDEFGEQLSKVISLICVAVWLINIGHFNDPVHGGSWIRGAIYYFKIAVALAVAAIPEGLPAVITTCLA
LGTRRMAKKNAIVRSLPSVETLGCTSVICSDKTGTLTTNQMSVCKMFIIDKVDGDFCSLNEFSITGSTYAPEGEVLKNDK
PIRSGQFDGLVELATICALCNDSSLDFNETKGVYEKVGEATETALTTLVEKMNVFNTEVRNLSKVERANACNSVIRQLMK
KEFTLEFSRDRKSMSVYCSPAKSSRAAVGNKMFVKGAPEGVIDRCNYVRVGTTRVPMTGPVKEKILSVIKEWGTGRDTLR
CLALATRDTPPKREEMVLDDSSRFMEYETDLTFVGVVGMLDPPRKEVMGSIQLCRDAGIRVIMITGDNKGTAIAICRRIG
IFGENEEVADRAYTGREFDDLPLAEQREACRRACCFARVEPSHKSKIVEYLQSYDEITAMTGDGVNDAPALKKAEIGIAM
GSGTAVAKTASEMVLADDNFSTIVAAVEEGRAIYNNMKQFIRYLISSNVGEVVCIFLTAALGLPEALIPVQLLWVNLVTD
GLPATALGFNPPDLDIMDRPPRSPKEPLISGWLFFRYMAIGGYVGAATVGAAAWWFMYAEDGPGVTYHQLTHFMQCTEDH
PHFEGLDCEIFEAPEPMTMALSVLVTIEMCNALNSLSENQSLMRMPPWVNIWLLGSICLSMSLHFLILYVDPLPMIFKLK
ALDLTQWLMVLKISLPVIGLDEILKFIARNYLEG
;
_entity_poly.pdbx_strand_id   A
#
loop_
_chem_comp.id
_chem_comp.type
_chem_comp.name
_chem_comp.formula
ATP non-polymer ADENOSINE-5'-TRIPHOSPHATE 'C10 H16 N5 O13 P3'
CZA non-polymer (6AR,11AS,11BR)-10-ACETYL-9-HYDROXY-7,7-DIMETHYL-2,6,6A,7,11A,11B-HEXAHYDRO-11H-PYRROLO[1',2':2,3]ISOINDOLO[4,5,6-CD]INDOL-11-ONE 'C20 H20 N2 O3'
K non-polymer 'POTASSIUM ION' 'K 1'
MF4 non-polymer TETRAFLUOROMAGNESATE(2-) 'F4 Mg -2'
MG non-polymer 'MAGNESIUM ION' 'Mg 2'
#
# COMPACT_ATOMS: atom_id res chain seq x y z
N MET A 1 34.72 -3.78 7.05
CA MET A 1 35.03 -4.22 5.60
C MET A 1 34.26 -3.89 4.36
N GLU A 2 34.62 -2.76 3.79
CA GLU A 2 34.01 -2.23 2.60
C GLU A 2 34.53 -2.83 1.26
N ALA A 3 33.56 -3.23 0.42
CA ALA A 3 33.83 -3.69 -0.91
C ALA A 3 34.57 -5.04 -0.96
N ALA A 4 34.23 -5.92 0.00
CA ALA A 4 34.79 -7.25 0.05
C ALA A 4 34.52 -8.07 -1.27
N HIS A 5 33.42 -7.77 -1.95
CA HIS A 5 33.17 -8.52 -3.22
C HIS A 5 34.15 -8.27 -4.30
N SER A 6 34.77 -7.10 -4.28
CA SER A 6 35.69 -6.71 -5.36
C SER A 6 37.12 -7.15 -5.02
N LYS A 7 37.32 -7.92 -3.95
CA LYS A 7 38.61 -8.56 -3.72
C LYS A 7 38.64 -10.02 -3.62
N SER A 8 39.88 -10.47 -3.59
CA SER A 8 40.23 -11.85 -3.46
C SER A 8 40.01 -12.36 -2.07
N THR A 9 39.94 -13.66 -2.01
CA THR A 9 39.75 -14.33 -0.76
C THR A 9 40.93 -14.00 0.17
N GLU A 10 42.13 -13.95 -0.38
CA GLU A 10 43.27 -13.70 0.50
C GLU A 10 43.34 -12.25 0.86
N GLU A 11 42.95 -11.40 -0.10
CA GLU A 11 42.86 -10.03 0.28
C GLU A 11 41.86 -9.86 1.46
N CYS A 12 40.77 -10.60 1.49
CA CYS A 12 39.81 -10.37 2.56
C CYS A 12 40.39 -10.93 3.82
N LEU A 13 41.08 -12.10 3.73
CA LEU A 13 41.73 -12.71 4.91
C LEU A 13 42.76 -11.79 5.48
N ALA A 14 43.63 -11.29 4.59
CA ALA A 14 44.73 -10.42 4.98
C ALA A 14 44.12 -9.18 5.61
N TYR A 15 43.11 -8.66 4.95
CA TYR A 15 42.41 -7.48 5.47
C TYR A 15 42.18 -7.52 6.99
N PHE A 16 41.65 -8.65 7.51
CA PHE A 16 41.38 -8.76 8.94
C PHE A 16 42.45 -9.49 9.64
N GLY A 17 43.44 -9.95 8.90
CA GLY A 17 44.50 -10.70 9.59
C GLY A 17 44.05 -11.98 10.26
N VAL A 18 43.17 -12.76 9.56
CA VAL A 18 42.81 -14.09 10.06
C VAL A 18 43.18 -15.25 9.12
N SER A 19 43.49 -16.41 9.71
CA SER A 19 43.51 -17.64 8.94
C SER A 19 42.10 -18.27 8.86
N GLU A 20 41.76 -18.65 7.63
CA GLU A 20 40.62 -19.38 7.25
C GLU A 20 40.53 -20.69 8.04
N THR A 21 41.68 -21.17 8.50
CA THR A 21 41.71 -22.41 9.22
C THR A 21 41.78 -22.34 10.69
N THR A 22 41.68 -21.18 11.27
CA THR A 22 41.63 -21.20 12.72
C THR A 22 40.68 -20.18 13.23
N GLY A 23 40.65 -18.97 12.63
CA GLY A 23 39.67 -17.98 12.98
C GLY A 23 40.24 -16.92 13.93
N LEU A 24 39.37 -15.95 14.23
CA LEU A 24 39.66 -15.00 15.28
C LEU A 24 40.07 -15.69 16.63
N THR A 25 41.13 -15.18 17.24
CA THR A 25 41.36 -15.40 18.71
C THR A 25 40.31 -14.67 19.54
N PRO A 26 40.15 -15.07 20.79
CA PRO A 26 38.94 -14.46 21.33
C PRO A 26 39.23 -12.99 21.75
N ASP A 27 40.48 -12.56 21.60
CA ASP A 27 40.90 -11.17 21.77
C ASP A 27 40.45 -10.27 20.58
N GLN A 28 40.79 -10.74 19.38
CA GLN A 28 40.24 -10.15 18.20
C GLN A 28 38.67 -9.98 18.38
N VAL A 29 37.97 -10.99 18.90
CA VAL A 29 36.54 -10.92 19.07
C VAL A 29 36.12 -9.82 19.97
N LYS A 30 36.77 -9.69 21.12
CA LYS A 30 36.54 -8.52 21.98
C LYS A 30 36.72 -7.20 21.35
N ARG A 31 37.89 -7.01 20.73
CA ARG A 31 38.14 -5.76 20.12
C ARG A 31 37.07 -5.47 19.02
N HIS A 32 36.76 -6.49 18.20
CA HIS A 32 35.94 -6.29 17.05
C HIS A 32 34.51 -6.04 17.55
N LEU A 33 34.15 -6.74 18.62
CA LEU A 33 32.84 -6.43 19.18
C LEU A 33 32.69 -4.96 19.68
N GLU A 34 33.77 -4.38 20.24
CA GLU A 34 33.70 -3.05 20.79
C GLU A 34 33.59 -2.12 19.61
N LYS A 35 34.45 -2.36 18.63
CA LYS A 35 34.53 -1.49 17.52
C LYS A 35 33.31 -1.52 16.51
N TYR A 36 32.47 -2.58 16.44
CA TYR A 36 31.46 -2.69 15.34
C TYR A 36 30.10 -2.95 15.93
N GLY A 37 30.08 -3.07 17.24
CA GLY A 37 28.87 -3.52 17.94
C GLY A 37 28.41 -4.96 17.71
N HIS A 38 27.21 -5.24 18.19
CA HIS A 38 26.61 -6.52 17.96
C HIS A 38 25.92 -6.70 16.59
N ASN A 39 25.62 -7.96 16.21
CA ASN A 39 25.15 -8.23 14.88
C ASN A 39 23.68 -8.40 14.82
N GLU A 40 23.04 -7.24 14.86
CA GLU A 40 21.61 -7.20 14.81
C GLU A 40 21.13 -5.83 14.39
N LEU A 41 20.00 -5.83 13.66
CA LEU A 41 19.19 -4.66 13.45
C LEU A 41 18.71 -4.12 14.78
N PRO A 42 18.81 -2.83 15.02
CA PRO A 42 18.16 -2.24 16.22
C PRO A 42 16.64 -2.25 16.11
N ALA A 43 15.96 -2.63 17.17
CA ALA A 43 14.49 -2.46 17.23
C ALA A 43 14.02 -1.00 17.04
N GLU A 44 12.82 -0.83 16.49
CA GLU A 44 12.11 0.45 16.46
C GLU A 44 10.90 0.20 17.31
N GLU A 45 10.72 0.93 18.37
CA GLU A 45 9.59 0.59 19.22
C GLU A 45 8.30 0.97 18.50
N GLY A 46 8.25 2.22 18.05
CA GLY A 46 7.01 2.72 17.52
C GLY A 46 6.16 3.27 18.66
N LYS A 47 5.80 4.55 18.50
CA LYS A 47 5.04 5.37 19.43
C LYS A 47 3.89 4.72 20.20
N SER A 48 3.98 4.80 21.53
CA SER A 48 2.95 4.31 22.47
C SER A 48 1.84 5.34 22.66
N LEU A 49 0.61 4.86 22.60
CA LEU A 49 -0.53 5.74 22.39
C LEU A 49 -0.77 6.84 23.42
N TRP A 50 0.06 6.94 24.46
CA TRP A 50 0.13 8.23 25.13
C TRP A 50 0.71 9.27 24.16
N GLU A 51 1.87 9.01 23.55
CA GLU A 51 2.51 10.10 22.83
C GLU A 51 1.72 10.49 21.59
N LEU A 52 0.80 9.61 21.16
CA LEU A 52 -0.03 9.89 19.98
C LEU A 52 -1.13 10.88 20.32
N VAL A 53 -1.99 10.52 21.27
CA VAL A 53 -2.91 11.48 21.84
C VAL A 53 -2.23 12.84 21.95
N ILE A 54 -1.12 12.90 22.68
CA ILE A 54 -0.43 14.18 22.88
C ILE A 54 -0.11 14.90 21.57
N GLU A 55 0.13 14.12 20.53
CA GLU A 55 0.50 14.72 19.26
C GLU A 55 -0.72 15.21 18.50
N GLN A 56 -1.89 14.64 18.84
CA GLN A 56 -3.14 15.05 18.22
C GLN A 56 -3.47 16.50 18.55
N PHE A 57 -3.00 16.94 19.73
CA PHE A 57 -3.16 18.32 20.16
C PHE A 57 -1.94 19.15 19.73
N GLU A 58 -1.18 18.64 18.76
CA GLU A 58 -0.01 19.38 18.34
C GLU A 58 -0.36 20.39 17.25
N ASP A 59 -1.58 20.33 16.70
CA ASP A 59 -1.95 21.36 15.71
C ASP A 59 -2.91 22.49 16.14
N LEU A 60 -2.59 23.67 15.64
CA LEU A 60 -3.25 24.90 16.01
C LEU A 60 -4.76 24.73 16.37
N LEU A 61 -5.58 24.54 15.34
CA LEU A 61 -7.00 24.34 15.46
C LEU A 61 -7.48 23.52 16.69
N VAL A 62 -6.68 22.59 17.21
CA VAL A 62 -7.11 21.94 18.43
C VAL A 62 -6.61 22.77 19.61
N ARG A 63 -5.36 23.23 19.54
CA ARG A 63 -4.75 24.07 20.58
C ARG A 63 -5.64 25.29 20.83
N ILE A 64 -6.19 25.83 19.74
CA ILE A 64 -7.18 26.91 19.78
C ILE A 64 -8.38 26.61 20.70
N LEU A 65 -8.94 25.40 20.66
CA LEU A 65 -9.99 25.02 21.60
C LEU A 65 -9.45 24.64 22.96
N LEU A 66 -8.43 23.78 23.00
CA LEU A 66 -7.81 23.43 24.27
C LEU A 66 -7.56 24.68 25.09
N LEU A 67 -7.41 25.81 24.40
CA LEU A 67 -7.27 27.10 25.04
C LEU A 67 -8.62 27.61 25.52
N ALA A 68 -9.55 27.70 24.58
CA ALA A 68 -10.94 27.99 24.89
C ALA A 68 -11.36 27.26 26.15
N ALA A 69 -11.70 25.98 26.04
CA ALA A 69 -12.16 25.17 27.19
C ALA A 69 -11.66 25.71 28.51
N CYS A 70 -10.36 26.03 28.56
CA CYS A 70 -9.77 26.59 29.78
C CYS A 70 -10.43 27.90 30.21
N ILE A 71 -10.55 28.82 29.27
CA ILE A 71 -11.22 30.11 29.46
C ILE A 71 -12.73 29.98 29.68
N SER A 72 -13.33 28.95 29.09
CA SER A 72 -14.72 28.60 29.35
C SER A 72 -14.79 27.88 30.70
N PHE A 73 -13.63 27.42 31.16
CA PHE A 73 -13.52 26.79 32.47
C PHE A 73 -13.16 27.86 33.47
N VAL A 74 -12.45 28.90 33.02
CA VAL A 74 -12.25 30.09 33.86
C VAL A 74 -13.62 30.70 34.13
N LEU A 75 -14.38 30.86 33.04
CA LEU A 75 -15.76 31.33 33.09
C LEU A 75 -16.70 30.34 33.78
N ALA A 76 -16.48 29.05 33.59
CA ALA A 76 -17.34 28.03 34.21
C ALA A 76 -17.35 28.21 35.72
N TRP A 77 -16.16 28.44 36.28
CA TRP A 77 -15.98 28.64 37.72
C TRP A 77 -16.58 29.99 38.14
N PHE A 78 -16.04 31.10 37.65
CA PHE A 78 -16.48 32.43 38.12
C PHE A 78 -17.87 32.85 37.63
N GLU A 79 -18.83 31.95 37.83
CA GLU A 79 -20.21 32.17 37.48
C GLU A 79 -20.96 32.85 38.62
N GLU A 80 -21.81 33.81 38.25
CA GLU A 80 -22.64 34.54 39.19
C GLU A 80 -23.46 33.57 40.04
N GLY A 81 -23.88 34.01 41.23
CA GLY A 81 -24.69 33.19 42.11
C GLY A 81 -26.05 32.92 41.51
N GLU A 82 -26.03 32.27 40.34
CA GLU A 82 -27.24 32.02 39.56
C GLU A 82 -27.21 30.60 38.99
N GLU A 83 -27.20 30.50 37.66
CA GLU A 83 -27.14 29.20 36.98
C GLU A 83 -25.88 28.47 37.40
N THR A 84 -25.87 27.99 38.64
CA THR A 84 -24.67 27.47 39.25
C THR A 84 -24.57 25.94 39.15
N ILE A 85 -25.71 25.26 39.01
CA ILE A 85 -25.74 23.79 39.08
C ILE A 85 -25.28 23.06 37.80
N THR A 86 -24.96 23.82 36.76
CA THR A 86 -24.34 23.28 35.53
C THR A 86 -23.75 24.37 34.61
N ALA A 87 -22.97 25.28 35.17
CA ALA A 87 -22.26 26.25 34.34
C ALA A 87 -21.06 25.60 33.69
N PHE A 88 -20.75 24.38 34.13
CA PHE A 88 -19.50 23.73 33.78
C PHE A 88 -19.55 22.90 32.52
N VAL A 89 -20.75 22.76 31.96
CA VAL A 89 -20.93 21.90 30.80
C VAL A 89 -20.01 22.36 29.66
N GLU A 90 -20.09 23.67 29.36
CA GLU A 90 -19.20 24.32 28.41
C GLU A 90 -17.76 23.80 28.46
N PRO A 91 -16.98 24.16 29.49
CA PRO A 91 -15.63 23.60 29.56
C PRO A 91 -15.58 22.12 29.20
N PHE A 92 -16.53 21.34 29.72
CA PHE A 92 -16.34 19.90 29.72
C PHE A 92 -16.81 19.15 28.48
N VAL A 93 -17.91 19.60 27.90
CA VAL A 93 -18.32 19.10 26.60
C VAL A 93 -17.13 19.31 25.69
N ILE A 94 -16.77 20.56 25.53
CA ILE A 94 -15.58 20.94 24.81
C ILE A 94 -14.37 19.98 25.01
N LEU A 95 -13.93 19.86 26.25
CA LEU A 95 -12.72 19.11 26.54
C LEU A 95 -12.93 17.63 26.27
N LEU A 96 -14.18 17.19 26.33
CA LEU A 96 -14.53 15.82 26.00
C LEU A 96 -14.54 15.61 24.49
N ILE A 97 -14.89 16.66 23.76
CA ILE A 97 -14.88 16.62 22.31
C ILE A 97 -13.43 16.57 21.78
N LEU A 98 -12.58 17.41 22.36
CA LEU A 98 -11.15 17.25 22.21
C LEU A 98 -10.76 15.78 22.32
N ILE A 99 -10.92 15.18 23.50
CA ILE A 99 -10.44 13.80 23.64
C ILE A 99 -11.06 12.89 22.58
N ALA A 100 -12.39 12.73 22.60
CA ALA A 100 -13.07 11.99 21.52
C ALA A 100 -12.35 12.20 20.17
N ASN A 101 -12.62 13.34 19.54
CA ASN A 101 -11.98 13.65 18.27
C ASN A 101 -10.53 13.12 18.21
N ALA A 102 -9.72 13.44 19.23
CA ALA A 102 -8.31 13.04 19.20
C ALA A 102 -8.16 11.53 19.29
N ILE A 103 -9.00 10.88 20.09
CA ILE A 103 -9.02 9.43 20.05
C ILE A 103 -9.30 8.87 18.65
N VAL A 104 -10.43 9.23 18.05
CA VAL A 104 -10.72 8.88 16.66
C VAL A 104 -9.48 9.00 15.77
N GLY A 105 -8.77 10.12 15.85
CA GLY A 105 -7.69 10.36 14.92
C GLY A 105 -6.55 9.36 15.04
N VAL A 106 -6.26 8.97 16.27
CA VAL A 106 -5.23 8.00 16.53
C VAL A 106 -5.73 6.61 16.12
N TRP A 107 -6.93 6.26 16.60
CA TRP A 107 -7.58 4.99 16.24
C TRP A 107 -7.61 4.70 14.72
N GLN A 108 -8.00 5.66 13.89
CA GLN A 108 -8.14 5.39 12.45
C GLN A 108 -6.80 5.03 11.78
N GLU A 109 -5.65 5.43 12.34
CA GLU A 109 -4.35 5.03 11.76
C GLU A 109 -3.67 3.83 12.47
N ARG A 110 -4.43 3.23 13.41
CA ARG A 110 -4.17 2.02 14.20
C ARG A 110 -2.85 1.32 13.96
N ASN A 111 -2.92 0.02 14.13
CA ASN A 111 -1.88 -0.91 13.71
C ASN A 111 -0.71 -1.12 14.66
N ALA A 112 -0.83 -2.21 15.39
CA ALA A 112 0.19 -2.69 16.30
C ALA A 112 1.39 -3.14 15.49
N GLU A 113 1.17 -4.17 14.65
CA GLU A 113 2.30 -4.78 13.95
C GLU A 113 3.27 -3.73 13.45
N ASN A 114 4.51 -4.19 13.38
CA ASN A 114 5.67 -3.33 13.32
C ASN A 114 6.55 -3.91 12.26
N ALA A 115 6.84 -3.13 11.23
CA ALA A 115 7.48 -3.76 10.09
C ALA A 115 8.96 -4.18 10.39
N ILE A 116 9.62 -3.49 11.34
CA ILE A 116 10.97 -3.90 11.72
C ILE A 116 10.92 -5.22 12.54
N GLU A 117 9.91 -5.39 13.38
CA GLU A 117 9.74 -6.68 14.05
C GLU A 117 9.64 -7.76 13.03
N ALA A 118 8.79 -7.55 12.03
CA ALA A 118 8.66 -8.56 10.94
C ALA A 118 9.97 -8.83 10.21
N LEU A 119 10.74 -7.79 10.08
CA LEU A 119 11.97 -7.91 9.32
C LEU A 119 13.10 -8.57 10.15
N LYS A 120 13.11 -8.37 11.45
CA LYS A 120 14.10 -9.11 12.26
C LYS A 120 13.76 -10.61 12.32
N GLU A 121 12.56 -11.02 12.01
CA GLU A 121 12.46 -12.47 11.79
C GLU A 121 13.43 -13.09 10.84
N TYR A 122 14.21 -12.37 10.03
CA TYR A 122 15.05 -13.05 9.05
C TYR A 122 16.37 -13.04 9.72
N GLU A 123 16.47 -12.52 10.93
CA GLU A 123 17.74 -12.70 11.69
C GLU A 123 17.75 -14.05 12.34
N PRO A 124 18.70 -14.92 11.97
CA PRO A 124 18.72 -16.25 12.68
C PRO A 124 19.12 -15.95 14.10
N GLU A 125 18.66 -16.75 15.10
CA GLU A 125 19.31 -16.58 16.40
C GLU A 125 20.74 -17.15 16.47
N MET A 126 20.95 -18.27 15.80
CA MET A 126 22.29 -18.93 15.82
C MET A 126 23.04 -18.81 14.49
N GLY A 127 24.37 -18.73 14.59
CA GLY A 127 25.26 -19.01 13.48
C GLY A 127 26.47 -19.88 13.87
N LYS A 128 27.29 -20.25 12.91
CA LYS A 128 28.38 -21.17 13.16
C LYS A 128 29.75 -20.52 12.84
N VAL A 129 30.74 -20.57 13.78
CA VAL A 129 32.10 -20.03 13.56
C VAL A 129 33.32 -20.96 13.79
N TYR A 130 34.46 -20.62 13.17
CA TYR A 130 35.68 -21.20 13.64
C TYR A 130 36.33 -20.06 14.32
N ARG A 131 36.89 -20.29 15.51
CA ARG A 131 37.73 -19.31 16.22
C ARG A 131 38.92 -20.01 16.90
N ALA A 132 39.95 -19.22 17.16
CA ALA A 132 41.25 -19.79 17.50
C ALA A 132 41.24 -20.78 18.67
N ASP A 133 40.30 -20.62 19.59
CA ASP A 133 40.40 -21.33 20.86
C ASP A 133 39.70 -22.71 20.85
N ARG A 134 39.07 -23.08 19.73
CA ARG A 134 38.65 -24.46 19.47
C ARG A 134 38.77 -24.86 17.96
N LYS A 135 39.02 -26.15 17.75
CA LYS A 135 39.30 -26.62 16.43
C LYS A 135 37.96 -26.79 15.71
N SER A 136 36.97 -27.23 16.44
CA SER A 136 35.72 -27.50 15.74
C SER A 136 34.74 -26.31 15.71
N VAL A 137 33.91 -26.30 14.65
CA VAL A 137 32.90 -25.29 14.41
C VAL A 137 32.07 -25.08 15.70
N GLN A 138 31.92 -23.82 16.08
CA GLN A 138 31.25 -23.43 17.30
C GLN A 138 29.91 -22.81 16.91
N ARG A 139 28.93 -22.95 17.77
CA ARG A 139 27.57 -22.58 17.44
C ARG A 139 27.10 -21.57 18.43
N ILE A 140 27.47 -20.33 18.15
CA ILE A 140 27.16 -19.21 18.96
C ILE A 140 25.93 -18.43 18.50
N LYS A 141 25.45 -17.55 19.37
CA LYS A 141 24.41 -16.55 19.04
C LYS A 141 24.84 -15.67 17.83
N ALA A 142 23.93 -15.47 16.88
CA ALA A 142 24.22 -14.70 15.65
C ALA A 142 24.65 -13.28 15.96
N ARG A 143 24.03 -12.75 17.00
CA ARG A 143 24.28 -11.39 17.36
C ARG A 143 25.73 -11.22 17.87
N ASP A 144 26.44 -12.34 18.02
CA ASP A 144 27.81 -12.32 18.58
C ASP A 144 28.93 -12.47 17.58
N ILE A 145 28.52 -12.73 16.35
CA ILE A 145 29.32 -12.56 15.14
C ILE A 145 29.86 -11.14 14.90
N VAL A 146 31.14 -11.10 14.55
CA VAL A 146 31.78 -9.86 14.25
C VAL A 146 32.46 -9.90 12.87
N PRO A 147 32.70 -8.74 12.28
CA PRO A 147 33.36 -8.76 10.94
C PRO A 147 34.76 -9.39 11.13
N GLY A 148 35.26 -10.17 10.15
CA GLY A 148 36.43 -10.97 10.36
C GLY A 148 36.21 -12.41 10.83
N ASP A 149 35.11 -12.69 11.55
CA ASP A 149 34.74 -14.12 11.76
C ASP A 149 34.79 -15.04 10.52
N ILE A 150 35.32 -16.23 10.67
CA ILE A 150 35.21 -17.32 9.69
C ILE A 150 33.89 -17.96 10.11
N VAL A 151 32.95 -18.06 9.19
CA VAL A 151 31.63 -18.65 9.35
C VAL A 151 31.35 -19.73 8.31
N GLU A 152 30.55 -20.68 8.75
CA GLU A 152 30.18 -21.73 7.90
C GLU A 152 28.66 -21.71 7.84
N VAL A 153 28.14 -21.99 6.66
CA VAL A 153 26.68 -22.11 6.37
C VAL A 153 26.48 -23.29 5.50
N ALA A 154 25.29 -23.84 5.62
CA ALA A 154 24.92 -25.03 4.79
C ALA A 154 23.40 -25.13 4.61
N VAL A 155 22.95 -26.10 3.78
CA VAL A 155 21.52 -26.23 3.53
C VAL A 155 20.60 -25.88 4.66
N GLY A 156 19.65 -25.03 4.30
CA GLY A 156 18.63 -24.45 5.14
C GLY A 156 19.08 -23.51 6.21
N ASP A 157 20.34 -23.05 6.14
CA ASP A 157 20.73 -21.96 7.05
C ASP A 157 20.16 -20.65 6.51
N LYS A 158 19.80 -19.83 7.48
CA LYS A 158 19.68 -18.40 7.33
C LYS A 158 21.08 -17.70 7.40
N VAL A 159 21.45 -16.86 6.43
CA VAL A 159 22.81 -16.31 6.44
C VAL A 159 22.90 -15.27 7.54
N PRO A 160 23.85 -15.46 8.46
CA PRO A 160 23.74 -14.62 9.65
C PRO A 160 24.32 -13.24 9.51
N ALA A 161 25.17 -12.95 8.53
CA ALA A 161 25.75 -11.65 8.34
C ALA A 161 26.21 -11.49 6.88
N ASP A 162 26.78 -10.34 6.55
CA ASP A 162 27.22 -10.21 5.14
C ASP A 162 28.65 -10.67 5.04
N ILE A 163 28.82 -11.71 4.24
CA ILE A 163 29.98 -12.58 4.25
C ILE A 163 30.50 -12.72 2.86
N ARG A 164 31.82 -12.55 2.76
CA ARG A 164 32.61 -12.97 1.55
C ARG A 164 32.95 -14.48 1.63
N ILE A 165 32.50 -15.17 0.62
CA ILE A 165 32.59 -16.61 0.56
C ILE A 165 34.07 -16.93 0.28
N LEU A 166 34.63 -17.89 1.04
CA LEU A 166 36.07 -18.24 1.01
C LEU A 166 36.28 -19.55 0.22
N SER A 167 35.49 -20.59 0.54
CA SER A 167 35.45 -21.77 -0.29
C SER A 167 34.15 -22.55 -0.27
N ILE A 168 33.85 -23.16 -1.40
CA ILE A 168 32.62 -23.82 -1.45
C ILE A 168 32.94 -25.26 -1.33
N LYS A 169 32.29 -25.92 -0.39
CA LYS A 169 32.66 -27.32 -0.08
C LYS A 169 32.06 -28.37 -1.00
N SER A 170 30.76 -28.22 -1.21
CA SER A 170 30.05 -28.94 -2.21
C SER A 170 30.39 -28.41 -3.62
N THR A 171 29.75 -29.01 -4.62
CA THR A 171 29.97 -28.79 -6.00
C THR A 171 29.27 -27.46 -6.36
N THR A 172 28.21 -27.13 -5.60
CA THR A 172 27.65 -25.80 -5.79
C THR A 172 27.04 -25.30 -4.54
N LEU A 173 27.08 -23.99 -4.39
CA LEU A 173 26.29 -23.35 -3.36
C LEU A 173 25.11 -22.60 -4.01
N ARG A 174 23.92 -23.01 -3.66
CA ARG A 174 22.71 -22.43 -4.15
C ARG A 174 22.04 -21.62 -3.06
N VAL A 175 21.80 -20.33 -3.40
CA VAL A 175 21.22 -19.39 -2.46
C VAL A 175 19.85 -18.81 -2.85
N ASP A 176 18.92 -18.82 -1.93
CA ASP A 176 17.72 -18.05 -2.12
C ASP A 176 17.80 -16.54 -1.59
N GLN A 177 17.85 -15.61 -2.54
CA GLN A 177 18.13 -14.22 -2.17
C GLN A 177 16.86 -13.41 -2.40
N SER A 178 15.74 -14.06 -2.35
CA SER A 178 14.50 -13.32 -2.45
C SER A 178 14.24 -12.15 -1.48
N ILE A 179 14.93 -11.98 -0.35
CA ILE A 179 14.60 -10.80 0.42
C ILE A 179 15.22 -9.55 -0.19
N LEU A 180 16.13 -9.68 -1.11
CA LEU A 180 16.83 -8.58 -1.73
C LEU A 180 16.48 -8.57 -3.20
N THR A 181 15.89 -9.60 -3.75
CA THR A 181 15.59 -9.56 -5.20
C THR A 181 14.15 -9.83 -5.57
N GLY A 182 13.36 -10.39 -4.65
CA GLY A 182 11.99 -10.76 -4.99
C GLY A 182 12.01 -12.18 -5.68
N GLU A 183 13.13 -12.71 -6.12
CA GLU A 183 13.12 -13.91 -6.94
C GLU A 183 13.58 -15.19 -6.09
N SER A 184 12.89 -16.30 -6.18
CA SER A 184 13.33 -17.48 -5.39
C SER A 184 14.27 -18.39 -6.09
N VAL A 185 14.42 -18.22 -7.42
CA VAL A 185 15.40 -18.94 -8.19
C VAL A 185 16.67 -19.06 -7.34
N SER A 186 17.36 -20.19 -7.38
CA SER A 186 18.69 -20.35 -6.74
C SER A 186 19.77 -19.61 -7.48
N VAL A 187 20.60 -18.94 -6.68
CA VAL A 187 21.76 -18.29 -7.24
C VAL A 187 22.94 -19.22 -6.95
N ILE A 188 23.79 -19.40 -7.94
CA ILE A 188 24.88 -20.24 -7.90
C ILE A 188 26.05 -19.36 -7.49
N LYS A 189 26.50 -19.48 -6.25
CA LYS A 189 27.67 -18.77 -5.83
C LYS A 189 29.00 -19.27 -6.36
N HIS A 190 29.98 -18.44 -6.25
CA HIS A 190 31.34 -18.77 -6.58
C HIS A 190 32.29 -17.95 -5.67
N THR A 191 33.61 -18.18 -5.78
CA THR A 191 34.56 -17.44 -4.94
C THR A 191 35.46 -16.43 -5.55
N GLU A 192 35.41 -16.26 -6.87
CA GLU A 192 36.22 -15.18 -7.50
C GLU A 192 35.86 -13.75 -7.17
N PRO A 193 36.76 -12.84 -7.50
CA PRO A 193 36.43 -11.40 -7.28
C PRO A 193 35.32 -11.00 -8.23
N VAL A 194 34.61 -9.92 -7.91
CA VAL A 194 33.71 -9.28 -8.81
C VAL A 194 34.18 -7.87 -8.75
N PRO A 195 35.10 -7.54 -9.64
CA PRO A 195 35.84 -6.25 -9.50
C PRO A 195 34.96 -4.99 -9.51
N ASP A 196 33.86 -4.98 -10.25
CA ASP A 196 33.08 -3.77 -10.35
C ASP A 196 32.62 -3.35 -8.97
N PRO A 197 33.13 -2.25 -8.49
CA PRO A 197 32.87 -1.69 -7.15
C PRO A 197 31.43 -1.22 -7.02
N ARG A 198 30.79 -1.06 -8.17
CA ARG A 198 29.38 -0.71 -8.19
C ARG A 198 28.36 -1.84 -8.52
N ALA A 199 28.86 -3.06 -8.66
CA ALA A 199 28.05 -4.21 -8.69
C ALA A 199 26.84 -4.23 -7.74
N VAL A 200 25.76 -4.67 -8.28
CA VAL A 200 24.54 -4.70 -7.54
C VAL A 200 24.44 -6.12 -6.81
N ASN A 201 23.60 -6.32 -5.77
CA ASN A 201 23.41 -7.65 -5.18
C ASN A 201 23.38 -8.81 -6.21
N GLN A 202 22.55 -8.66 -7.22
CA GLN A 202 22.43 -9.69 -8.19
C GLN A 202 23.83 -10.06 -8.78
N ASP A 203 24.77 -9.10 -8.76
CA ASP A 203 26.06 -9.34 -9.38
C ASP A 203 27.08 -9.94 -8.40
N LYS A 204 26.86 -9.74 -7.08
CA LYS A 204 27.81 -10.21 -6.09
C LYS A 204 27.65 -11.71 -5.79
N LYS A 205 28.12 -12.46 -6.75
CA LYS A 205 27.90 -13.87 -6.86
C LYS A 205 28.88 -14.59 -5.88
N ASN A 206 29.82 -13.81 -5.28
CA ASN A 206 30.87 -14.26 -4.39
C ASN A 206 30.61 -13.83 -2.93
N MET A 207 29.43 -13.26 -2.67
CA MET A 207 28.93 -12.90 -1.32
C MET A 207 27.66 -13.64 -0.77
N LEU A 208 27.49 -13.69 0.55
CA LEU A 208 26.28 -14.23 1.11
C LEU A 208 25.72 -13.03 1.84
N PHE A 209 24.41 -12.77 1.78
CA PHE A 209 23.87 -11.63 2.42
C PHE A 209 22.94 -12.10 3.54
N SER A 210 23.02 -11.37 4.63
CA SER A 210 22.36 -11.71 5.81
C SER A 210 20.83 -11.78 5.60
N GLY A 211 20.21 -12.80 6.17
CA GLY A 211 18.78 -13.01 6.04
C GLY A 211 18.36 -13.73 4.80
N THR A 212 19.23 -13.96 3.82
CA THR A 212 18.86 -14.92 2.79
C THR A 212 19.11 -16.35 3.30
N ASN A 213 18.85 -17.34 2.49
CA ASN A 213 19.01 -18.68 3.02
C ASN A 213 19.59 -19.55 2.00
N ILE A 214 20.24 -20.60 2.48
CA ILE A 214 21.12 -21.44 1.66
C ILE A 214 20.15 -22.58 1.12
N ALA A 215 19.89 -22.67 -0.18
CA ALA A 215 19.03 -23.73 -0.65
C ALA A 215 19.81 -25.03 -0.95
N ALA A 216 21.13 -24.98 -1.17
CA ALA A 216 21.92 -26.15 -1.37
C ALA A 216 23.36 -25.86 -1.19
N GLY A 217 24.07 -26.86 -0.61
CA GLY A 217 25.52 -26.89 -0.50
C GLY A 217 26.02 -26.44 0.84
N LYS A 218 27.32 -26.15 0.90
CA LYS A 218 28.04 -25.90 2.11
C LYS A 218 29.22 -25.00 1.82
N ALA A 219 29.34 -23.97 2.63
CA ALA A 219 30.37 -22.98 2.33
C ALA A 219 31.01 -22.38 3.61
N LEU A 220 32.23 -21.92 3.49
CA LEU A 220 32.90 -21.17 4.57
C LEU A 220 33.14 -19.79 4.02
N GLY A 221 32.96 -18.78 4.87
CA GLY A 221 33.41 -17.48 4.46
C GLY A 221 33.94 -16.58 5.52
N ILE A 222 34.35 -15.35 5.16
CA ILE A 222 34.73 -14.34 6.19
C ILE A 222 33.66 -13.25 6.37
N VAL A 223 33.29 -12.93 7.61
CA VAL A 223 32.27 -11.89 7.72
C VAL A 223 32.85 -10.51 7.23
N ALA A 224 32.14 -9.82 6.36
CA ALA A 224 32.60 -8.53 5.85
C ALA A 224 32.00 -7.38 6.69
N THR A 225 30.70 -7.38 6.82
CA THR A 225 30.02 -6.44 7.66
C THR A 225 28.84 -7.09 8.39
N THR A 226 28.40 -6.44 9.46
CA THR A 226 27.30 -6.95 10.23
C THR A 226 26.41 -5.79 10.65
N GLY A 227 25.44 -6.14 11.46
CA GLY A 227 24.41 -5.27 11.91
C GLY A 227 23.80 -4.42 10.82
N VAL A 228 23.84 -3.15 11.11
CA VAL A 228 23.14 -2.14 10.33
C VAL A 228 23.86 -1.88 9.03
N SER A 229 25.09 -2.32 8.94
CA SER A 229 25.86 -2.17 7.67
C SER A 229 25.65 -3.29 6.56
N THR A 230 24.61 -4.06 6.66
CA THR A 230 24.44 -5.12 5.70
C THR A 230 23.42 -4.72 4.68
N GLU A 231 23.25 -5.52 3.63
CA GLU A 231 22.06 -5.27 2.81
C GLU A 231 20.67 -5.30 3.53
N ILE A 232 20.43 -6.21 4.48
CA ILE A 232 19.21 -6.13 5.19
C ILE A 232 19.20 -4.87 6.12
N GLY A 233 20.38 -4.41 6.54
CA GLY A 233 20.51 -3.18 7.35
C GLY A 233 19.99 -1.92 6.56
N LYS A 234 20.31 -1.85 5.26
CA LYS A 234 19.72 -0.82 4.49
C LYS A 234 18.22 -0.84 4.44
N ILE A 235 17.63 -2.03 4.20
CA ILE A 235 16.19 -2.14 4.15
C ILE A 235 15.63 -1.62 5.48
N ARG A 236 16.32 -1.94 6.56
CA ARG A 236 15.85 -1.53 7.87
C ARG A 236 15.88 -0.01 8.08
N ASP A 237 16.90 0.66 7.58
CA ASP A 237 17.03 2.11 7.75
C ASP A 237 15.92 2.85 6.96
N GLN A 238 15.63 2.41 5.75
CA GLN A 238 14.53 2.97 5.06
C GLN A 238 13.14 2.61 5.67
N MET A 239 13.06 1.69 6.63
CA MET A 239 11.72 1.46 7.11
C MET A 239 11.61 2.14 8.43
N ALA A 240 12.72 2.66 8.88
CA ALA A 240 12.68 3.49 10.09
C ALA A 240 12.07 4.80 9.72
N ALA A 241 12.77 5.49 8.80
CA ALA A 241 12.48 6.85 8.24
C ALA A 241 11.09 7.55 8.54
N THR A 242 10.60 7.42 9.77
CA THR A 242 9.17 7.52 10.06
C THR A 242 8.64 8.93 10.03
N GLU A 243 9.38 9.80 9.35
CA GLU A 243 8.94 11.17 9.06
C GLU A 243 7.44 11.19 8.91
N GLN A 244 6.77 11.59 9.98
CA GLN A 244 5.31 11.49 10.05
C GLN A 244 4.65 11.85 8.71
N ASP A 245 4.12 10.84 8.04
CA ASP A 245 3.46 11.01 6.74
C ASP A 245 1.96 11.28 6.94
N LYS A 246 1.38 11.99 5.97
CA LYS A 246 -0.05 12.25 5.91
C LYS A 246 -0.44 11.95 4.49
N THR A 247 -1.66 11.52 4.21
CA THR A 247 -2.09 11.44 2.82
C THR A 247 -2.19 12.82 2.15
N PRO A 248 -2.28 12.84 0.81
CA PRO A 248 -2.53 14.09 0.08
C PRO A 248 -3.70 14.84 0.68
N LEU A 249 -4.76 14.07 0.93
CA LEU A 249 -5.99 14.61 1.50
C LEU A 249 -5.79 15.12 2.93
N GLN A 250 -5.07 14.38 3.77
CA GLN A 250 -4.82 14.85 5.13
C GLN A 250 -4.10 16.19 5.11
N GLN A 251 -3.07 16.30 4.28
CA GLN A 251 -2.37 17.59 4.11
C GLN A 251 -3.25 18.77 3.69
N LYS A 252 -4.14 18.51 2.72
CA LYS A 252 -5.16 19.47 2.25
C LYS A 252 -5.94 19.89 3.48
N LEU A 253 -6.54 18.93 4.16
CA LEU A 253 -7.27 19.20 5.39
C LEU A 253 -6.45 20.01 6.35
N ASP A 254 -5.18 19.70 6.47
CA ASP A 254 -4.36 20.52 7.34
C ASP A 254 -4.11 21.95 6.86
N GLU A 255 -3.71 22.12 5.59
CA GLU A 255 -3.67 23.43 4.95
C GLU A 255 -4.95 24.20 5.38
N PHE A 256 -6.07 23.51 5.27
CA PHE A 256 -7.37 24.11 5.54
C PHE A 256 -7.55 24.37 7.01
N GLY A 257 -6.77 23.67 7.81
CA GLY A 257 -6.90 23.85 9.24
C GLY A 257 -6.22 25.14 9.56
N GLU A 258 -5.01 25.26 9.03
CA GLU A 258 -4.17 26.41 9.23
C GLU A 258 -4.82 27.74 8.78
N GLN A 259 -5.64 27.69 7.73
CA GLN A 259 -6.35 28.89 7.24
C GLN A 259 -7.52 29.31 8.15
N LEU A 260 -8.17 28.32 8.75
CA LEU A 260 -9.34 28.52 9.59
C LEU A 260 -8.94 29.28 10.81
N SER A 261 -7.77 28.91 11.33
CA SER A 261 -7.22 29.52 12.52
C SER A 261 -6.72 30.97 12.24
N LYS A 262 -6.03 31.17 11.11
CA LYS A 262 -5.69 32.52 10.66
C LYS A 262 -6.92 33.24 10.12
N VAL A 263 -8.08 32.62 10.31
CA VAL A 263 -9.32 33.37 10.39
C VAL A 263 -9.45 33.73 11.88
N ILE A 264 -10.23 32.98 12.65
CA ILE A 264 -10.35 33.14 14.10
C ILE A 264 -9.41 34.17 14.73
N SER A 265 -8.13 34.16 14.41
CA SER A 265 -7.21 35.17 14.94
C SER A 265 -7.45 36.57 14.37
N LEU A 266 -7.72 36.70 13.08
CA LEU A 266 -7.97 38.04 12.54
C LEU A 266 -9.31 38.57 12.99
N ILE A 267 -10.31 37.70 13.07
CA ILE A 267 -11.61 38.12 13.60
C ILE A 267 -11.56 38.59 15.08
N CYS A 268 -10.54 38.17 15.83
CA CYS A 268 -10.45 38.55 17.24
C CYS A 268 -9.77 39.89 17.47
N VAL A 269 -9.00 40.34 16.49
CA VAL A 269 -8.54 41.71 16.50
C VAL A 269 -9.69 42.56 15.99
N ALA A 270 -10.37 42.08 14.96
CA ALA A 270 -11.51 42.79 14.38
C ALA A 270 -12.58 42.98 15.44
N VAL A 271 -12.88 41.89 16.14
CA VAL A 271 -13.79 41.96 17.27
C VAL A 271 -13.12 42.70 18.42
N TRP A 272 -11.78 42.72 18.44
CA TRP A 272 -11.08 43.58 19.40
C TRP A 272 -10.98 45.04 18.94
N LEU A 273 -11.32 45.32 17.68
CA LEU A 273 -11.21 46.67 17.14
C LEU A 273 -12.49 47.46 17.16
N ILE A 274 -13.61 46.83 16.85
CA ILE A 274 -14.88 47.53 17.00
C ILE A 274 -15.26 47.59 18.47
N ASN A 275 -14.54 46.85 19.30
CA ASN A 275 -14.71 46.93 20.76
C ASN A 275 -13.90 48.08 21.34
N ILE A 276 -12.63 48.19 20.94
CA ILE A 276 -11.81 49.31 21.38
C ILE A 276 -12.16 50.54 20.53
N GLY A 277 -13.18 50.38 19.68
CA GLY A 277 -13.79 51.48 18.96
C GLY A 277 -14.77 52.22 19.86
N HIS A 278 -15.66 51.46 20.50
CA HIS A 278 -16.41 51.97 21.66
C HIS A 278 -15.85 51.51 23.04
N PHE A 279 -14.57 51.79 23.29
CA PHE A 279 -13.93 51.67 24.63
C PHE A 279 -13.72 53.07 25.20
N ASN A 280 -14.11 54.06 24.39
CA ASN A 280 -13.96 55.46 24.75
C ASN A 280 -15.19 56.09 25.42
N ASP A 281 -16.02 55.26 26.09
CA ASP A 281 -17.23 55.77 26.76
C ASP A 281 -17.94 54.80 27.76
N PRO A 282 -17.19 54.12 28.64
CA PRO A 282 -17.84 53.17 29.54
C PRO A 282 -18.69 53.81 30.66
N VAL A 283 -18.83 55.14 30.67
CA VAL A 283 -19.44 55.84 31.80
C VAL A 283 -18.92 55.27 33.13
N HIS A 284 -17.74 54.66 33.04
CA HIS A 284 -17.05 53.97 34.14
C HIS A 284 -17.82 53.81 35.46
N GLY A 285 -18.76 52.86 35.48
CA GLY A 285 -19.53 52.58 36.68
C GLY A 285 -19.89 51.11 36.80
N GLY A 286 -18.86 50.26 36.83
CA GLY A 286 -19.08 48.83 36.94
C GLY A 286 -17.87 47.92 36.67
N SER A 287 -16.67 48.44 36.87
CA SER A 287 -15.40 47.66 36.80
C SER A 287 -14.99 47.14 35.40
N TRP A 288 -13.68 47.16 35.10
CA TRP A 288 -13.14 46.71 33.81
C TRP A 288 -13.16 45.19 33.66
N ILE A 289 -14.04 44.56 34.45
CA ILE A 289 -14.27 43.12 34.44
C ILE A 289 -15.42 42.84 33.49
N ARG A 290 -16.48 43.66 33.59
CA ARG A 290 -17.65 43.58 32.70
C ARG A 290 -17.28 43.70 31.24
N GLY A 291 -16.06 44.18 30.97
CA GLY A 291 -15.56 44.27 29.60
C GLY A 291 -14.40 43.32 29.39
N ALA A 292 -13.70 43.04 30.47
CA ALA A 292 -12.59 42.10 30.45
C ALA A 292 -13.09 40.73 29.96
N ILE A 293 -14.24 40.31 30.47
CA ILE A 293 -14.82 39.03 30.06
C ILE A 293 -15.79 39.23 28.92
N TYR A 294 -15.81 40.42 28.31
CA TYR A 294 -16.64 40.57 27.12
C TYR A 294 -15.90 40.14 25.85
N TYR A 295 -14.57 40.00 25.92
CA TYR A 295 -13.78 39.42 24.83
C TYR A 295 -13.79 37.91 24.91
N PHE A 296 -13.29 37.41 26.03
CA PHE A 296 -13.09 35.99 26.26
C PHE A 296 -14.42 35.33 26.62
N LYS A 297 -15.48 35.96 26.14
CA LYS A 297 -16.82 35.40 26.08
C LYS A 297 -17.18 35.25 24.60
N ILE A 298 -16.94 36.31 23.83
CA ILE A 298 -17.22 36.27 22.39
C ILE A 298 -16.02 35.69 21.63
N ALA A 299 -14.88 35.63 22.32
CA ALA A 299 -13.67 35.05 21.77
C ALA A 299 -13.73 33.51 21.86
N VAL A 300 -14.43 32.99 22.88
CA VAL A 300 -14.76 31.56 22.93
C VAL A 300 -15.80 31.28 21.86
N ALA A 301 -16.91 32.01 21.92
CA ALA A 301 -17.99 31.89 20.92
C ALA A 301 -17.49 32.02 19.47
N LEU A 302 -16.48 32.85 19.24
CA LEU A 302 -15.94 33.00 17.90
C LEU A 302 -15.25 31.72 17.42
N ALA A 303 -14.67 30.96 18.35
CA ALA A 303 -13.97 29.71 18.05
C ALA A 303 -14.95 28.55 17.80
N VAL A 304 -15.82 28.28 18.78
CA VAL A 304 -16.89 27.29 18.62
C VAL A 304 -17.65 27.49 17.28
N ALA A 305 -17.90 28.75 16.92
CA ALA A 305 -18.59 29.05 15.66
C ALA A 305 -17.78 28.71 14.38
N ALA A 306 -16.51 29.10 14.35
CA ALA A 306 -15.71 28.95 13.13
C ALA A 306 -15.25 27.49 12.87
N ILE A 307 -14.74 26.83 13.90
CA ILE A 307 -14.38 25.40 13.86
C ILE A 307 -15.59 24.52 13.56
N PRO A 308 -15.48 23.65 12.57
CA PRO A 308 -16.55 22.66 12.48
C PRO A 308 -16.15 21.43 13.28
N GLU A 309 -16.22 21.52 14.60
CA GLU A 309 -16.15 20.29 15.37
C GLU A 309 -17.20 19.42 14.67
N GLY A 310 -17.15 18.12 14.82
CA GLY A 310 -17.95 17.34 13.91
C GLY A 310 -17.15 16.82 12.71
N LEU A 311 -16.49 17.69 11.92
CA LEU A 311 -15.85 17.19 10.71
C LEU A 311 -15.23 15.79 11.03
N PRO A 312 -14.40 15.70 12.08
CA PRO A 312 -13.73 14.42 12.34
C PRO A 312 -14.64 13.17 12.45
N ALA A 313 -15.84 13.29 12.96
CA ALA A 313 -16.69 12.10 13.05
C ALA A 313 -17.18 11.74 11.65
N VAL A 314 -17.74 12.71 10.94
CA VAL A 314 -18.35 12.41 9.64
C VAL A 314 -17.34 12.06 8.53
N ILE A 315 -16.10 12.53 8.73
CA ILE A 315 -15.02 12.31 7.84
C ILE A 315 -14.60 10.91 8.13
N THR A 316 -14.36 10.64 9.41
CA THR A 316 -13.95 9.31 9.84
C THR A 316 -14.98 8.26 9.40
N THR A 317 -16.26 8.57 9.58
CA THR A 317 -17.36 7.72 9.10
C THR A 317 -17.35 7.44 7.58
N CYS A 318 -17.18 8.50 6.79
CA CYS A 318 -16.97 8.45 5.33
C CYS A 318 -15.88 7.44 4.90
N LEU A 319 -14.69 7.63 5.47
CA LEU A 319 -13.57 6.77 5.26
C LEU A 319 -14.00 5.37 5.70
N ALA A 320 -14.76 5.31 6.78
CA ALA A 320 -14.97 4.01 7.40
C ALA A 320 -15.93 3.14 6.58
N LEU A 321 -16.95 3.77 5.99
CA LEU A 321 -17.78 3.12 4.98
C LEU A 321 -17.00 2.71 3.68
N GLY A 322 -16.23 3.61 3.08
CA GLY A 322 -15.27 3.20 2.04
C GLY A 322 -14.44 1.97 2.42
N THR A 323 -13.92 1.99 3.62
CA THR A 323 -13.11 0.89 4.02
C THR A 323 -13.88 -0.42 4.04
N ARG A 324 -15.18 -0.33 4.36
CA ARG A 324 -16.07 -1.50 4.41
C ARG A 324 -16.47 -1.99 3.01
N ARG A 325 -16.67 -1.08 2.07
CA ARG A 325 -16.88 -1.57 0.72
C ARG A 325 -15.58 -2.11 0.15
N MET A 326 -14.42 -1.56 0.52
CA MET A 326 -13.26 -2.20 0.00
C MET A 326 -13.06 -3.65 0.64
N ALA A 327 -13.32 -3.84 1.94
CA ALA A 327 -13.46 -5.24 2.46
C ALA A 327 -14.31 -6.20 1.61
N LYS A 328 -15.44 -5.76 1.08
CA LYS A 328 -16.29 -6.64 0.27
C LYS A 328 -15.55 -7.02 -0.98
N LYS A 329 -14.53 -6.23 -1.34
CA LYS A 329 -13.67 -6.53 -2.50
C LYS A 329 -12.37 -7.24 -2.16
N ASN A 330 -12.21 -7.56 -0.89
CA ASN A 330 -11.08 -8.33 -0.44
C ASN A 330 -9.83 -7.49 -0.45
N ALA A 331 -10.05 -6.20 -0.39
CA ALA A 331 -9.00 -5.25 -0.08
C ALA A 331 -9.11 -4.84 1.39
N ILE A 332 -8.09 -5.15 2.18
CA ILE A 332 -8.10 -4.75 3.54
C ILE A 332 -7.37 -3.47 3.74
N VAL A 333 -8.05 -2.49 4.33
CA VAL A 333 -7.48 -1.20 4.46
C VAL A 333 -7.09 -0.94 5.92
N ARG A 334 -5.78 -1.02 6.11
CA ARG A 334 -5.08 -0.99 7.38
C ARG A 334 -5.14 0.39 7.98
N SER A 335 -5.33 1.41 7.15
CA SER A 335 -5.23 2.83 7.61
C SER A 335 -6.35 3.66 6.99
N LEU A 336 -7.32 4.07 7.79
CA LEU A 336 -8.55 4.53 7.15
C LEU A 336 -8.34 5.63 6.08
N PRO A 337 -7.52 6.66 6.38
CA PRO A 337 -7.31 7.68 5.32
C PRO A 337 -6.77 7.14 3.95
N SER A 338 -6.00 6.05 3.92
CA SER A 338 -5.54 5.60 2.64
C SER A 338 -6.61 5.01 1.73
N VAL A 339 -7.85 4.87 2.24
CA VAL A 339 -8.92 4.35 1.39
C VAL A 339 -9.24 5.42 0.27
N GLU A 340 -8.78 6.66 0.51
CA GLU A 340 -8.93 7.71 -0.48
C GLU A 340 -7.75 7.86 -1.45
N THR A 341 -6.55 7.57 -1.00
CA THR A 341 -5.34 7.95 -1.74
C THR A 341 -5.19 7.61 -3.22
N LEU A 342 -5.46 6.36 -3.57
CA LEU A 342 -5.42 5.86 -4.92
C LEU A 342 -6.35 6.68 -5.86
N GLY A 343 -7.38 7.29 -5.28
CA GLY A 343 -8.26 8.15 -6.06
C GLY A 343 -7.56 9.35 -6.68
N CYS A 344 -6.56 9.93 -6.02
CA CYS A 344 -5.75 10.94 -6.65
C CYS A 344 -4.36 10.51 -7.09
N THR A 345 -4.13 9.20 -7.16
CA THR A 345 -2.83 8.76 -7.51
C THR A 345 -2.60 8.98 -9.02
N SER A 346 -1.42 9.44 -9.42
CA SER A 346 -1.08 9.53 -10.83
C SER A 346 -0.09 8.46 -11.38
N VAL A 347 0.81 7.97 -10.56
CA VAL A 347 1.72 6.91 -10.98
C VAL A 347 1.55 5.67 -10.04
N ILE A 348 1.36 4.48 -10.60
CA ILE A 348 1.49 3.24 -9.79
C ILE A 348 2.79 2.50 -10.12
N CYS A 349 3.73 2.50 -9.19
CA CYS A 349 4.93 1.60 -9.36
C CYS A 349 4.59 0.20 -8.86
N SER A 350 4.99 -0.76 -9.66
CA SER A 350 4.69 -2.15 -9.33
C SER A 350 5.83 -3.06 -9.45
N ASP A 351 5.96 -3.85 -8.39
CA ASP A 351 6.84 -4.99 -8.40
C ASP A 351 6.24 -5.97 -9.44
N LYS A 352 7.08 -6.77 -10.09
CA LYS A 352 6.63 -7.85 -10.99
C LYS A 352 6.25 -9.24 -10.26
N THR A 353 7.30 -9.94 -9.84
CA THR A 353 7.23 -11.32 -9.45
C THR A 353 6.37 -11.50 -8.23
N GLY A 354 5.32 -12.31 -8.34
CA GLY A 354 4.35 -12.42 -7.24
C GLY A 354 3.37 -11.31 -7.11
N THR A 355 3.53 -10.26 -7.93
CA THR A 355 2.59 -9.15 -7.84
C THR A 355 1.86 -9.02 -9.18
N LEU A 356 2.53 -8.47 -10.15
CA LEU A 356 2.08 -8.53 -11.52
C LEU A 356 2.01 -9.99 -12.07
N THR A 357 2.94 -10.87 -11.63
CA THR A 357 2.99 -12.29 -11.99
C THR A 357 2.52 -13.24 -10.92
N THR A 358 2.35 -14.53 -11.24
CA THR A 358 1.89 -15.48 -10.11
C THR A 358 3.09 -15.96 -9.32
N ASN A 359 4.27 -15.73 -9.87
CA ASN A 359 5.39 -16.33 -9.19
C ASN A 359 5.17 -17.86 -9.04
N GLN A 360 4.66 -18.49 -10.09
CA GLN A 360 4.69 -19.90 -10.22
C GLN A 360 5.27 -20.25 -11.58
N MET A 361 6.51 -20.74 -11.61
CA MET A 361 7.22 -21.04 -12.87
C MET A 361 6.46 -22.15 -13.63
N SER A 362 6.19 -21.94 -14.93
CA SER A 362 5.33 -22.83 -15.73
C SER A 362 5.94 -23.14 -17.06
N VAL A 363 5.74 -24.38 -17.45
CA VAL A 363 6.23 -24.82 -18.73
C VAL A 363 5.13 -24.57 -19.73
N CYS A 364 5.41 -23.67 -20.64
CA CYS A 364 4.28 -23.09 -21.48
C CYS A 364 4.44 -23.64 -22.92
N LYS A 365 5.67 -23.95 -23.31
CA LYS A 365 5.98 -24.56 -24.63
C LYS A 365 6.96 -25.77 -24.55
N MET A 366 6.78 -26.77 -25.42
CA MET A 366 7.86 -27.73 -25.59
C MET A 366 7.94 -28.31 -26.96
N PHE A 367 9.12 -28.84 -27.27
CA PHE A 367 9.17 -29.55 -28.51
C PHE A 367 10.07 -30.75 -28.58
N ILE A 368 9.78 -31.64 -29.51
CA ILE A 368 10.56 -32.82 -29.83
C ILE A 368 10.73 -32.87 -31.32
N ILE A 369 11.61 -33.72 -31.83
CA ILE A 369 11.74 -33.87 -33.31
C ILE A 369 10.57 -34.69 -33.88
N ASP A 370 10.05 -34.22 -35.00
CA ASP A 370 9.03 -34.86 -35.79
C ASP A 370 9.64 -35.79 -36.86
N LYS A 371 10.50 -35.25 -37.70
CA LYS A 371 10.98 -35.97 -38.80
C LYS A 371 12.27 -35.40 -39.32
N VAL A 372 13.12 -36.30 -39.84
CA VAL A 372 14.44 -35.90 -40.30
C VAL A 372 14.69 -36.48 -41.66
N ASP A 373 15.17 -35.65 -42.60
CA ASP A 373 15.51 -36.15 -43.92
C ASP A 373 16.51 -35.19 -44.64
N GLY A 374 17.77 -35.63 -44.75
CA GLY A 374 18.93 -34.78 -45.09
C GLY A 374 18.81 -33.39 -44.48
N ASP A 375 18.59 -32.34 -45.30
CA ASP A 375 18.60 -30.99 -44.77
C ASP A 375 17.29 -30.57 -44.16
N PHE A 376 16.33 -31.48 -44.35
CA PHE A 376 15.00 -31.25 -43.81
C PHE A 376 14.92 -31.79 -42.39
N CYS A 377 14.57 -30.91 -41.50
CA CYS A 377 14.24 -31.30 -40.15
C CYS A 377 12.92 -30.57 -39.70
N SER A 378 11.87 -31.30 -39.42
CA SER A 378 10.82 -30.71 -38.63
C SER A 378 10.71 -31.13 -37.11
N LEU A 379 10.20 -30.18 -36.35
CA LEU A 379 9.82 -30.30 -34.97
C LEU A 379 8.30 -30.62 -34.74
N ASN A 380 7.92 -31.42 -33.76
CA ASN A 380 6.64 -31.27 -33.13
C ASN A 380 6.66 -30.32 -31.92
N GLU A 381 5.91 -29.21 -32.09
CA GLU A 381 5.79 -28.15 -31.10
C GLU A 381 4.49 -28.19 -30.40
N PHE A 382 4.49 -27.83 -29.12
CA PHE A 382 3.29 -27.98 -28.35
C PHE A 382 3.19 -26.82 -27.39
N SER A 383 1.98 -26.64 -26.95
CA SER A 383 1.84 -25.57 -26.04
C SER A 383 1.17 -26.26 -24.85
N ILE A 384 1.34 -25.63 -23.72
CA ILE A 384 0.76 -26.18 -22.55
C ILE A 384 0.24 -25.00 -21.83
N THR A 385 -0.98 -25.10 -21.39
CA THR A 385 -1.54 -23.98 -20.60
C THR A 385 -1.47 -24.25 -19.07
N GLY A 386 -2.13 -23.41 -18.27
CA GLY A 386 -2.09 -23.50 -16.82
C GLY A 386 -1.00 -22.55 -16.52
N SER A 387 -1.14 -21.76 -15.48
CA SER A 387 0.04 -21.03 -14.98
C SER A 387 0.18 -21.20 -13.46
N THR A 388 -0.41 -22.25 -12.89
CA THR A 388 0.02 -22.51 -11.52
C THR A 388 0.82 -23.79 -11.41
N TYR A 389 1.21 -24.13 -10.19
CA TYR A 389 1.85 -25.39 -9.97
C TYR A 389 0.81 -26.49 -9.91
N ALA A 390 -0.43 -26.13 -9.80
CA ALA A 390 -1.50 -27.15 -9.88
C ALA A 390 -1.50 -28.02 -11.19
N PRO A 391 -1.75 -29.32 -11.05
CA PRO A 391 -1.65 -30.14 -12.22
C PRO A 391 -2.99 -30.18 -13.05
N GLU A 392 -3.32 -29.01 -13.60
CA GLU A 392 -4.57 -28.63 -14.23
C GLU A 392 -4.18 -27.81 -15.41
N GLY A 393 -4.61 -28.25 -16.59
CA GLY A 393 -3.95 -27.74 -17.78
C GLY A 393 -4.03 -28.82 -18.86
N GLU A 394 -3.68 -28.40 -20.07
CA GLU A 394 -3.77 -29.29 -21.21
C GLU A 394 -2.61 -28.94 -22.09
N VAL A 395 -2.36 -29.92 -22.94
CA VAL A 395 -1.29 -29.89 -23.95
C VAL A 395 -1.91 -29.75 -25.31
N LEU A 396 -1.45 -28.73 -26.01
CA LEU A 396 -1.99 -28.39 -27.36
C LEU A 396 -0.92 -28.51 -28.42
N LYS A 397 -1.34 -29.05 -29.54
CA LYS A 397 -0.67 -28.91 -30.81
C LYS A 397 -1.59 -28.18 -31.81
N ASN A 398 -1.18 -26.96 -32.15
CA ASN A 398 -1.96 -26.00 -32.98
C ASN A 398 -3.15 -25.35 -32.27
N ASP A 399 -3.20 -25.51 -30.95
CA ASP A 399 -4.36 -25.10 -30.13
C ASP A 399 -5.45 -26.14 -30.28
N LYS A 400 -5.15 -27.25 -30.92
CA LYS A 400 -6.01 -28.35 -30.61
C LYS A 400 -5.39 -29.26 -29.50
N PRO A 401 -6.23 -29.84 -28.67
CA PRO A 401 -5.68 -30.55 -27.49
C PRO A 401 -5.08 -31.89 -27.82
N ILE A 402 -4.00 -32.34 -27.16
CA ILE A 402 -3.61 -33.71 -27.45
C ILE A 402 -3.36 -34.59 -26.26
N ARG A 403 -3.36 -35.88 -26.54
CA ARG A 403 -2.78 -36.85 -25.71
C ARG A 403 -1.25 -36.91 -25.91
N SER A 404 -0.48 -36.35 -24.96
CA SER A 404 1.01 -36.54 -24.98
C SER A 404 1.49 -37.99 -25.13
N GLY A 405 0.85 -38.97 -24.47
CA GLY A 405 1.38 -40.34 -24.47
C GLY A 405 1.28 -40.97 -25.86
N GLN A 406 0.62 -40.29 -26.78
CA GLN A 406 0.65 -40.74 -28.13
C GLN A 406 1.95 -40.37 -28.86
N PHE A 407 2.67 -39.33 -28.44
CA PHE A 407 3.97 -39.15 -29.02
C PHE A 407 5.09 -39.81 -28.18
N ASP A 408 5.79 -40.81 -28.70
CA ASP A 408 6.91 -41.51 -28.01
C ASP A 408 8.04 -40.61 -27.44
N GLY A 409 8.44 -39.65 -28.27
CA GLY A 409 9.11 -38.46 -27.82
C GLY A 409 8.55 -37.67 -26.61
N LEU A 410 7.24 -37.51 -26.45
CA LEU A 410 6.71 -36.85 -25.26
C LEU A 410 6.86 -37.72 -24.04
N VAL A 411 6.70 -39.01 -24.27
CA VAL A 411 6.97 -40.03 -23.26
C VAL A 411 8.38 -39.98 -22.74
N GLU A 412 9.35 -39.91 -23.62
CA GLU A 412 10.70 -39.77 -23.12
C GLU A 412 10.98 -38.42 -22.42
N LEU A 413 10.47 -37.33 -23.03
CA LEU A 413 10.53 -36.01 -22.41
C LEU A 413 9.95 -35.96 -21.01
N ALA A 414 8.74 -36.50 -20.81
CA ALA A 414 8.17 -36.53 -19.49
C ALA A 414 9.10 -37.38 -18.57
N THR A 415 9.63 -38.48 -19.11
CA THR A 415 10.51 -39.37 -18.34
C THR A 415 11.71 -38.64 -17.75
N ILE A 416 12.43 -37.94 -18.62
CA ILE A 416 13.54 -37.06 -18.22
C ILE A 416 13.13 -35.95 -17.20
N CYS A 417 12.00 -35.31 -17.43
CA CYS A 417 11.55 -34.30 -16.47
C CYS A 417 11.25 -34.87 -15.13
N ALA A 418 10.86 -36.13 -15.08
CA ALA A 418 10.42 -36.61 -13.79
C ALA A 418 11.66 -37.16 -13.04
N LEU A 419 12.61 -37.80 -13.73
CA LEU A 419 13.73 -38.36 -13.11
C LEU A 419 14.89 -37.32 -12.79
N CYS A 420 15.18 -36.46 -13.75
CA CYS A 420 16.26 -35.52 -13.64
C CYS A 420 15.72 -34.31 -12.91
N ASN A 421 15.42 -34.52 -11.64
CA ASN A 421 14.58 -33.63 -10.81
C ASN A 421 14.73 -33.82 -9.26
N ASP A 422 14.98 -32.76 -8.52
CA ASP A 422 15.08 -32.94 -7.07
C ASP A 422 13.95 -32.31 -6.36
N SER A 423 12.91 -31.91 -7.08
CA SER A 423 11.79 -31.31 -6.36
C SER A 423 10.54 -32.13 -6.50
N SER A 424 9.43 -31.60 -6.00
CA SER A 424 8.23 -32.37 -6.10
C SER A 424 7.12 -31.34 -5.87
N LEU A 425 5.87 -31.82 -5.67
CA LEU A 425 4.74 -30.93 -5.55
C LEU A 425 3.96 -31.29 -4.31
N ASP A 426 3.39 -30.33 -3.65
CA ASP A 426 2.64 -30.75 -2.46
C ASP A 426 1.29 -30.10 -2.44
N PHE A 427 0.27 -30.82 -2.11
CA PHE A 427 -0.97 -30.04 -1.92
C PHE A 427 -1.08 -29.61 -0.47
N ASN A 428 -1.29 -28.35 -0.21
CA ASN A 428 -1.39 -27.77 1.12
C ASN A 428 -2.81 -27.69 1.59
N GLU A 429 -3.26 -28.57 2.46
CA GLU A 429 -4.68 -28.80 2.66
C GLU A 429 -5.34 -27.66 3.40
N THR A 430 -4.56 -27.01 4.24
CA THR A 430 -5.00 -25.82 4.93
C THR A 430 -5.29 -24.64 3.95
N LYS A 431 -4.37 -24.34 3.05
CA LYS A 431 -4.55 -23.27 2.12
C LYS A 431 -5.31 -23.68 0.88
N GLY A 432 -5.68 -24.95 0.71
CA GLY A 432 -6.31 -25.46 -0.53
C GLY A 432 -5.64 -25.25 -1.93
N VAL A 433 -4.33 -25.02 -1.94
CA VAL A 433 -3.56 -24.90 -3.15
C VAL A 433 -2.28 -25.83 -3.26
N TYR A 434 -1.83 -26.13 -4.47
CA TYR A 434 -0.56 -26.73 -4.69
C TYR A 434 0.60 -25.80 -4.59
N GLU A 435 1.70 -26.36 -4.08
CA GLU A 435 2.86 -25.60 -3.71
C GLU A 435 4.08 -26.39 -4.11
N LYS A 436 5.12 -25.69 -4.44
CA LYS A 436 6.30 -26.35 -4.88
C LYS A 436 7.02 -26.91 -3.60
N VAL A 437 7.76 -28.00 -3.73
CA VAL A 437 8.71 -28.38 -2.76
C VAL A 437 10.10 -28.41 -3.45
N GLY A 438 11.07 -27.59 -3.04
CA GLY A 438 12.37 -27.54 -3.82
C GLY A 438 12.33 -26.34 -4.81
N GLU A 439 13.09 -26.40 -5.88
CA GLU A 439 13.20 -25.27 -6.79
C GLU A 439 12.08 -25.11 -7.80
N ALA A 440 11.62 -23.87 -8.01
CA ALA A 440 10.56 -23.55 -8.99
C ALA A 440 10.77 -24.07 -10.41
N THR A 441 11.95 -23.91 -10.94
CA THR A 441 12.22 -24.47 -12.23
C THR A 441 12.09 -25.93 -12.30
N GLU A 442 12.27 -26.65 -11.14
CA GLU A 442 12.22 -28.10 -11.18
C GLU A 442 10.84 -28.46 -10.98
N THR A 443 10.16 -27.70 -10.11
CA THR A 443 8.75 -28.02 -9.87
C THR A 443 7.90 -27.84 -11.11
N ALA A 444 8.41 -26.99 -12.02
CA ALA A 444 7.74 -26.71 -13.23
C ALA A 444 7.67 -27.97 -14.05
N LEU A 445 8.82 -28.68 -14.09
CA LEU A 445 8.98 -29.99 -14.67
C LEU A 445 7.98 -30.99 -14.01
N THR A 446 7.84 -30.88 -12.68
CA THR A 446 6.90 -31.80 -12.04
C THR A 446 5.48 -31.59 -12.50
N THR A 447 4.95 -30.38 -12.36
CA THR A 447 3.60 -30.06 -12.82
C THR A 447 3.44 -30.43 -14.33
N LEU A 448 4.45 -30.02 -15.13
CA LEU A 448 4.41 -30.50 -16.53
C LEU A 448 4.09 -32.02 -16.59
N VAL A 449 4.88 -32.88 -15.90
CA VAL A 449 4.77 -34.32 -16.04
C VAL A 449 3.32 -34.76 -15.75
N GLU A 450 2.74 -34.18 -14.70
CA GLU A 450 1.35 -34.41 -14.25
C GLU A 450 0.27 -33.93 -15.28
N LYS A 451 0.48 -32.77 -15.90
CA LYS A 451 -0.35 -32.34 -17.00
C LYS A 451 -0.14 -33.25 -18.24
N MET A 452 1.10 -33.62 -18.68
CA MET A 452 1.22 -34.64 -19.73
C MET A 452 0.49 -35.95 -19.40
N ASN A 453 0.60 -36.47 -18.17
CA ASN A 453 0.05 -37.80 -17.92
C ASN A 453 0.32 -38.76 -19.09
N VAL A 454 1.56 -38.86 -19.54
CA VAL A 454 1.97 -39.69 -20.73
C VAL A 454 1.62 -41.12 -20.71
N PHE A 455 1.33 -41.70 -19.56
CA PHE A 455 0.91 -43.13 -19.59
C PHE A 455 -0.55 -43.25 -19.31
N ASN A 456 -1.31 -42.14 -19.38
CA ASN A 456 -2.74 -42.36 -19.27
C ASN A 456 -3.13 -42.93 -17.92
N THR A 457 -2.36 -42.62 -16.88
CA THR A 457 -2.69 -42.96 -15.54
C THR A 457 -4.00 -42.30 -15.11
N GLU A 458 -4.84 -43.01 -14.35
CA GLU A 458 -6.16 -42.48 -13.96
C GLU A 458 -6.03 -41.64 -12.72
N VAL A 459 -6.41 -40.38 -12.84
CA VAL A 459 -6.23 -39.38 -11.81
C VAL A 459 -7.50 -38.57 -11.59
N ARG A 460 -8.51 -38.68 -12.48
CA ARG A 460 -9.86 -38.05 -12.17
C ARG A 460 -10.24 -38.30 -10.67
N ASN A 461 -9.99 -39.53 -10.11
CA ASN A 461 -10.52 -39.75 -8.75
C ASN A 461 -9.60 -39.67 -7.51
N LEU A 462 -8.35 -39.25 -7.72
CA LEU A 462 -7.37 -39.25 -6.67
C LEU A 462 -7.67 -38.02 -5.80
N SER A 463 -7.50 -38.12 -4.50
CA SER A 463 -7.59 -36.89 -3.70
C SER A 463 -6.57 -35.98 -4.25
N LYS A 464 -6.86 -34.69 -4.05
CA LYS A 464 -5.85 -33.68 -4.40
C LYS A 464 -4.46 -33.94 -3.81
N VAL A 465 -4.31 -34.52 -2.58
CA VAL A 465 -2.94 -34.76 -2.14
C VAL A 465 -2.23 -35.85 -2.93
N GLU A 466 -2.95 -36.93 -3.21
CA GLU A 466 -2.41 -38.01 -4.01
C GLU A 466 -2.12 -37.50 -5.41
N ARG A 467 -2.75 -36.41 -5.86
CA ARG A 467 -2.75 -36.09 -7.30
C ARG A 467 -1.49 -35.31 -7.61
N ALA A 468 -0.99 -34.67 -6.56
CA ALA A 468 0.16 -33.92 -6.68
C ALA A 468 1.32 -34.66 -7.34
N ASN A 469 1.49 -35.96 -7.16
CA ASN A 469 2.69 -36.53 -7.78
C ASN A 469 2.39 -37.87 -8.45
N ALA A 470 1.13 -38.11 -8.79
CA ALA A 470 0.69 -39.38 -9.40
C ALA A 470 1.47 -39.82 -10.61
N CYS A 471 1.57 -38.93 -11.61
CA CYS A 471 2.28 -39.29 -12.84
C CYS A 471 3.79 -39.50 -12.74
N ASN A 472 4.36 -38.67 -11.88
CA ASN A 472 5.74 -38.75 -11.52
C ASN A 472 6.08 -40.10 -10.85
N SER A 473 5.35 -40.48 -9.81
CA SER A 473 5.50 -41.84 -9.25
C SER A 473 5.37 -42.95 -10.30
N VAL A 474 4.48 -42.79 -11.26
CA VAL A 474 4.41 -43.79 -12.26
C VAL A 474 5.77 -43.89 -12.88
N ILE A 475 6.30 -42.82 -13.42
CA ILE A 475 7.61 -42.83 -14.05
C ILE A 475 8.70 -43.36 -13.07
N ARG A 476 8.66 -42.93 -11.83
CA ARG A 476 9.64 -43.47 -10.92
C ARG A 476 9.63 -45.00 -10.77
N GLN A 477 8.50 -45.64 -10.98
CA GLN A 477 8.40 -47.06 -10.89
C GLN A 477 9.14 -47.78 -12.06
N LEU A 478 9.19 -47.19 -13.23
CA LEU A 478 9.86 -47.76 -14.38
C LEU A 478 11.38 -47.77 -14.29
N MET A 479 11.96 -46.89 -13.49
CA MET A 479 13.41 -46.62 -13.62
C MET A 479 13.86 -46.16 -12.32
N LYS A 480 14.94 -46.77 -11.86
CA LYS A 480 15.45 -46.48 -10.54
C LYS A 480 16.59 -45.45 -10.76
N LYS A 481 16.44 -44.37 -10.08
CA LYS A 481 17.47 -43.42 -10.02
C LYS A 481 18.52 -43.95 -9.04
N GLU A 482 19.66 -44.36 -9.54
CA GLU A 482 20.82 -44.70 -8.66
C GLU A 482 21.59 -43.53 -8.11
N PHE A 483 21.82 -42.42 -8.85
CA PHE A 483 22.56 -41.28 -8.29
C PHE A 483 22.48 -40.20 -9.35
N THR A 484 22.63 -38.99 -8.90
CA THR A 484 22.73 -37.84 -9.65
C THR A 484 24.17 -37.32 -9.92
N LEU A 485 24.57 -37.04 -11.19
CA LEU A 485 25.74 -36.15 -11.45
C LEU A 485 25.16 -34.77 -11.30
N GLU A 486 25.19 -34.27 -10.11
CA GLU A 486 24.78 -32.92 -9.84
C GLU A 486 25.44 -31.88 -10.73
N PHE A 487 24.70 -30.81 -10.82
CA PHE A 487 25.01 -29.67 -11.57
C PHE A 487 26.40 -29.07 -11.27
N SER A 488 27.12 -28.65 -12.33
CA SER A 488 28.39 -27.91 -12.15
C SER A 488 28.47 -26.75 -13.15
N ARG A 489 29.02 -25.63 -12.74
CA ARG A 489 29.38 -24.42 -13.60
C ARG A 489 30.08 -24.65 -15.01
N ASP A 490 31.02 -25.59 -15.07
CA ASP A 490 31.76 -25.90 -16.28
C ASP A 490 30.92 -26.66 -17.33
N ARG A 491 29.83 -27.28 -16.94
CA ARG A 491 29.02 -27.95 -17.95
C ARG A 491 27.59 -27.38 -18.14
N LYS A 492 27.12 -26.52 -17.26
CA LYS A 492 25.74 -26.07 -17.41
C LYS A 492 24.54 -27.10 -17.48
N SER A 493 24.79 -28.30 -16.94
CA SER A 493 23.79 -29.30 -16.96
C SER A 493 23.99 -30.31 -15.74
N MET A 494 23.05 -31.23 -15.57
CA MET A 494 23.03 -32.18 -14.55
C MET A 494 22.42 -33.43 -15.06
N SER A 495 22.81 -34.56 -14.44
CA SER A 495 22.12 -35.77 -14.81
C SER A 495 21.81 -36.72 -13.75
N VAL A 496 21.02 -37.70 -14.19
CA VAL A 496 20.66 -38.75 -13.28
C VAL A 496 20.91 -40.04 -13.98
N TYR A 497 21.50 -40.92 -13.23
CA TYR A 497 21.90 -42.26 -13.71
C TYR A 497 20.83 -43.23 -13.29
N CYS A 498 20.34 -43.99 -14.21
CA CYS A 498 19.18 -44.77 -13.89
C CYS A 498 19.18 -46.17 -14.41
N SER A 499 18.62 -47.11 -13.63
CA SER A 499 18.54 -48.50 -14.21
C SER A 499 17.15 -48.86 -14.28
N PRO A 500 16.79 -49.69 -15.27
CA PRO A 500 15.44 -50.26 -15.34
C PRO A 500 15.11 -50.93 -13.98
N ALA A 501 13.98 -50.61 -13.39
CA ALA A 501 13.53 -51.25 -12.15
C ALA A 501 13.45 -52.78 -12.42
N LYS A 502 13.75 -53.61 -11.49
CA LYS A 502 13.61 -55.01 -11.92
C LYS A 502 14.72 -55.55 -12.85
N SER A 503 15.83 -54.83 -12.93
CA SER A 503 17.02 -55.36 -13.54
C SER A 503 18.11 -55.67 -12.51
N SER A 504 19.16 -56.37 -12.90
CA SER A 504 20.24 -56.68 -11.96
C SER A 504 21.35 -55.67 -12.14
N ARG A 505 22.19 -55.44 -11.13
CA ARG A 505 23.29 -54.46 -11.19
C ARG A 505 24.03 -54.60 -12.53
N ALA A 506 24.27 -55.83 -12.98
CA ALA A 506 25.06 -56.08 -14.21
C ALA A 506 24.31 -55.86 -15.47
N ALA A 507 22.97 -55.96 -15.44
CA ALA A 507 22.12 -55.83 -16.62
C ALA A 507 22.42 -54.67 -17.58
N VAL A 508 21.81 -54.78 -18.78
CA VAL A 508 21.87 -53.73 -19.73
C VAL A 508 20.63 -52.85 -19.61
N GLY A 509 20.82 -51.63 -20.13
CA GLY A 509 19.71 -50.76 -20.32
C GLY A 509 19.74 -49.62 -19.34
N ASN A 510 20.88 -49.43 -18.74
CA ASN A 510 21.10 -48.21 -17.96
C ASN A 510 21.07 -46.94 -18.89
N LYS A 511 20.53 -45.86 -18.38
CA LYS A 511 20.41 -44.65 -19.08
C LYS A 511 20.95 -43.51 -18.22
N MET A 512 21.49 -42.47 -18.81
CA MET A 512 21.55 -41.19 -18.09
C MET A 512 20.56 -40.19 -18.75
N PHE A 513 19.90 -39.39 -17.92
CA PHE A 513 18.91 -38.51 -18.42
C PHE A 513 19.43 -37.12 -18.04
N VAL A 514 19.66 -36.28 -19.08
CA VAL A 514 20.30 -35.00 -18.91
C VAL A 514 19.38 -33.80 -19.13
N LYS A 515 19.52 -32.85 -18.25
CA LYS A 515 18.95 -31.58 -18.57
C LYS A 515 19.88 -30.38 -18.30
N GLY A 516 19.68 -29.35 -19.10
CA GLY A 516 20.56 -28.18 -19.01
C GLY A 516 20.42 -27.15 -20.06
N ALA A 517 21.48 -26.36 -20.17
CA ALA A 517 21.49 -25.12 -20.97
C ALA A 517 21.60 -25.60 -22.36
N PRO A 518 20.74 -25.07 -23.25
CA PRO A 518 20.72 -25.74 -24.59
C PRO A 518 22.03 -25.91 -25.39
N GLU A 519 22.93 -24.98 -25.28
CA GLU A 519 24.04 -25.03 -26.13
C GLU A 519 24.96 -26.24 -25.81
N GLY A 520 25.42 -26.27 -24.53
CA GLY A 520 26.31 -27.33 -24.06
C GLY A 520 25.74 -28.71 -24.29
N VAL A 521 24.44 -28.84 -23.95
CA VAL A 521 23.79 -30.10 -24.11
C VAL A 521 23.68 -30.46 -25.56
N ILE A 522 23.21 -29.50 -26.42
CA ILE A 522 23.13 -29.79 -27.86
C ILE A 522 24.49 -30.09 -28.38
N ASP A 523 25.56 -29.42 -27.89
CA ASP A 523 26.88 -29.89 -28.44
C ASP A 523 27.28 -31.24 -28.04
N ARG A 524 26.67 -31.72 -26.96
CA ARG A 524 27.14 -33.08 -26.59
C ARG A 524 26.27 -34.19 -27.06
N CYS A 525 25.38 -33.84 -27.98
CA CYS A 525 24.60 -34.85 -28.73
C CYS A 525 25.24 -35.14 -30.07
N ASN A 526 25.35 -36.41 -30.30
CA ASN A 526 25.65 -36.97 -31.52
C ASN A 526 24.39 -37.57 -32.18
N TYR A 527 23.28 -37.59 -31.46
CA TYR A 527 22.08 -38.18 -32.06
C TYR A 527 20.87 -37.35 -31.69
N VAL A 528 19.80 -37.49 -32.48
CA VAL A 528 18.48 -37.01 -32.04
C VAL A 528 17.56 -38.19 -31.99
N ARG A 529 16.72 -38.22 -30.97
CA ARG A 529 15.64 -39.11 -30.95
C ARG A 529 14.49 -38.63 -31.94
N VAL A 530 14.01 -39.54 -32.78
CA VAL A 530 12.79 -39.37 -33.50
C VAL A 530 11.80 -40.48 -33.08
N GLY A 531 10.80 -40.17 -32.24
CA GLY A 531 9.80 -41.18 -31.82
C GLY A 531 10.48 -42.17 -30.89
N THR A 532 10.75 -43.41 -31.32
CA THR A 532 11.54 -44.32 -30.49
C THR A 532 12.77 -44.74 -31.14
N THR A 533 13.06 -44.10 -32.27
CA THR A 533 14.30 -44.32 -32.99
C THR A 533 15.26 -43.16 -32.69
N ARG A 534 16.42 -43.26 -33.31
CA ARG A 534 17.57 -42.34 -33.12
C ARG A 534 18.36 -42.10 -34.49
N VAL A 535 18.72 -40.88 -34.80
CA VAL A 535 19.42 -40.64 -36.10
C VAL A 535 20.55 -39.64 -35.82
N PRO A 536 21.48 -39.54 -36.75
CA PRO A 536 22.63 -38.73 -36.32
C PRO A 536 22.36 -37.25 -36.15
N MET A 537 22.89 -36.66 -35.10
CA MET A 537 22.77 -35.21 -35.00
C MET A 537 23.51 -34.60 -36.23
N THR A 538 22.85 -33.84 -37.06
CA THR A 538 23.61 -33.21 -38.17
C THR A 538 23.56 -31.76 -38.09
N GLY A 539 24.38 -31.15 -38.94
CA GLY A 539 24.34 -29.65 -38.92
C GLY A 539 22.96 -29.07 -39.13
N PRO A 540 22.17 -29.66 -40.09
CA PRO A 540 20.88 -28.93 -40.26
C PRO A 540 19.85 -29.32 -39.22
N VAL A 541 19.92 -30.56 -38.75
CA VAL A 541 19.07 -30.85 -37.56
C VAL A 541 19.47 -29.90 -36.43
N LYS A 542 20.78 -29.87 -36.09
CA LYS A 542 21.19 -28.90 -34.99
C LYS A 542 20.70 -27.50 -35.26
N GLU A 543 20.93 -27.08 -36.49
CA GLU A 543 20.51 -25.74 -36.92
C GLU A 543 18.99 -25.44 -36.74
N LYS A 544 18.19 -26.44 -37.09
CA LYS A 544 16.77 -26.37 -36.90
C LYS A 544 16.45 -26.15 -35.47
N ILE A 545 17.00 -27.05 -34.60
CA ILE A 545 16.78 -27.00 -33.18
C ILE A 545 17.15 -25.69 -32.53
N LEU A 546 18.42 -25.27 -32.70
CA LEU A 546 18.95 -23.99 -32.18
C LEU A 546 18.15 -22.79 -32.60
N SER A 547 17.60 -22.89 -33.85
CA SER A 547 16.75 -21.88 -34.46
C SER A 547 15.48 -21.62 -33.64
N VAL A 548 14.73 -22.65 -33.27
CA VAL A 548 13.50 -22.39 -32.50
C VAL A 548 13.93 -22.15 -31.04
N ILE A 549 15.16 -22.55 -30.70
CA ILE A 549 15.51 -22.29 -29.29
C ILE A 549 15.71 -20.81 -29.17
N LYS A 550 16.71 -20.28 -29.84
CA LYS A 550 16.70 -18.82 -30.23
C LYS A 550 15.35 -18.08 -30.31
N GLU A 551 14.50 -18.45 -31.23
CA GLU A 551 13.20 -17.77 -31.15
C GLU A 551 12.65 -17.82 -29.77
N TRP A 552 12.55 -19.01 -29.10
CA TRP A 552 11.75 -19.13 -27.86
C TRP A 552 12.28 -18.27 -26.74
N GLY A 553 13.59 -18.16 -26.79
CA GLY A 553 14.41 -17.29 -25.99
C GLY A 553 14.38 -15.76 -26.01
N THR A 554 13.53 -15.15 -26.89
CA THR A 554 13.69 -13.77 -27.36
C THR A 554 12.43 -13.35 -28.16
N GLY A 555 11.30 -13.42 -27.52
CA GLY A 555 10.20 -12.73 -28.18
C GLY A 555 9.66 -11.74 -27.21
N ARG A 556 8.39 -11.84 -26.94
CA ARG A 556 7.88 -11.53 -25.64
C ARG A 556 7.30 -12.87 -25.34
N ASP A 557 7.94 -13.90 -25.92
CA ASP A 557 8.11 -15.24 -25.31
C ASP A 557 9.12 -15.04 -24.16
N THR A 558 10.33 -14.65 -24.59
CA THR A 558 11.59 -14.67 -23.84
C THR A 558 11.57 -15.71 -22.71
N LEU A 559 11.70 -17.01 -23.07
CA LEU A 559 11.45 -18.09 -22.11
C LEU A 559 12.80 -18.61 -21.63
N ARG A 560 12.77 -19.10 -20.39
CA ARG A 560 13.84 -19.93 -19.92
C ARG A 560 13.59 -21.35 -20.64
N CYS A 561 14.61 -21.71 -21.37
CA CYS A 561 14.72 -22.84 -22.23
C CYS A 561 15.71 -23.87 -21.72
N LEU A 562 15.23 -25.12 -21.58
CA LEU A 562 16.09 -26.27 -21.19
C LEU A 562 16.07 -27.33 -22.27
N ALA A 563 17.23 -27.84 -22.63
CA ALA A 563 17.31 -29.07 -23.43
C ALA A 563 17.35 -30.36 -22.53
N LEU A 564 16.61 -31.34 -23.03
CA LEU A 564 16.51 -32.65 -22.46
C LEU A 564 17.13 -33.71 -23.36
N ALA A 565 18.08 -34.50 -22.81
CA ALA A 565 18.69 -35.56 -23.56
C ALA A 565 18.95 -36.92 -22.74
N THR A 566 19.41 -37.94 -23.43
CA THR A 566 19.55 -39.18 -22.80
C THR A 566 20.88 -39.73 -23.23
N ARG A 567 21.71 -40.29 -22.29
CA ARG A 567 22.85 -41.07 -22.82
C ARG A 567 22.41 -42.47 -22.99
N ASP A 568 22.21 -42.89 -24.23
CA ASP A 568 21.66 -44.24 -24.45
C ASP A 568 22.53 -45.37 -23.92
N THR A 569 23.85 -45.15 -23.93
CA THR A 569 24.80 -46.15 -23.44
C THR A 569 25.68 -45.47 -22.46
N PRO A 570 25.14 -45.21 -21.29
CA PRO A 570 26.09 -44.58 -20.34
C PRO A 570 27.31 -45.52 -19.94
N PRO A 571 28.37 -44.89 -19.42
CA PRO A 571 29.43 -45.70 -18.78
C PRO A 571 28.87 -46.63 -17.67
N LYS A 572 29.59 -47.76 -17.39
CA LYS A 572 29.35 -48.74 -16.29
C LYS A 572 29.52 -47.99 -15.00
N ARG A 573 28.59 -48.13 -14.04
CA ARG A 573 28.68 -47.24 -12.83
C ARG A 573 30.06 -47.23 -12.27
N GLU A 574 30.68 -48.43 -12.32
CA GLU A 574 32.03 -48.67 -11.74
C GLU A 574 33.01 -47.72 -12.34
N GLU A 575 32.92 -47.50 -13.66
CA GLU A 575 33.89 -46.62 -14.32
C GLU A 575 33.73 -45.14 -13.98
N MET A 576 32.65 -44.77 -13.32
CA MET A 576 32.45 -43.33 -13.02
C MET A 576 33.00 -42.80 -11.70
N VAL A 577 33.83 -41.81 -11.76
CA VAL A 577 34.07 -41.25 -10.46
C VAL A 577 33.20 -40.10 -10.02
N LEU A 578 32.33 -40.42 -9.07
CA LEU A 578 31.36 -39.50 -8.46
C LEU A 578 31.85 -38.34 -7.69
N ASP A 579 33.04 -38.51 -7.12
CA ASP A 579 33.56 -37.48 -6.17
C ASP A 579 34.27 -36.34 -6.94
N ASP A 580 34.46 -36.57 -8.24
CA ASP A 580 35.13 -35.65 -9.13
C ASP A 580 34.19 -34.95 -10.20
N SER A 581 33.59 -33.78 -9.86
CA SER A 581 32.59 -33.20 -10.71
C SER A 581 33.08 -32.75 -12.14
N SER A 582 34.31 -32.34 -12.15
CA SER A 582 35.06 -32.06 -13.39
C SER A 582 35.07 -33.22 -14.39
N ARG A 583 34.65 -34.38 -13.95
CA ARG A 583 34.60 -35.54 -14.87
C ARG A 583 33.22 -35.65 -15.51
N PHE A 584 32.29 -34.80 -15.03
CA PHE A 584 30.90 -35.12 -15.28
C PHE A 584 30.56 -34.79 -16.76
N MET A 585 31.23 -33.78 -17.35
CA MET A 585 30.84 -33.35 -18.67
C MET A 585 31.30 -34.44 -19.54
N GLU A 586 32.41 -35.07 -19.22
CA GLU A 586 32.66 -36.22 -20.09
C GLU A 586 31.67 -37.40 -20.02
N TYR A 587 31.13 -37.66 -18.84
CA TYR A 587 30.19 -38.77 -18.68
C TYR A 587 28.87 -38.44 -19.48
N GLU A 588 28.58 -37.11 -19.55
CA GLU A 588 27.44 -36.53 -20.26
C GLU A 588 27.70 -36.22 -21.74
N THR A 589 28.26 -37.17 -22.48
CA THR A 589 28.63 -36.90 -23.88
C THR A 589 28.06 -38.13 -24.63
N ASP A 590 28.42 -38.29 -25.92
CA ASP A 590 27.72 -39.15 -26.85
C ASP A 590 26.14 -39.10 -26.62
N LEU A 591 25.58 -37.92 -26.26
CA LEU A 591 24.08 -37.78 -26.00
C LEU A 591 23.07 -37.87 -27.21
N THR A 592 21.85 -38.32 -26.96
CA THR A 592 20.74 -38.26 -27.80
C THR A 592 19.83 -37.09 -27.40
N PHE A 593 19.69 -36.11 -28.30
CA PHE A 593 18.67 -35.03 -28.10
C PHE A 593 17.23 -35.52 -28.09
N VAL A 594 16.48 -35.09 -27.09
CA VAL A 594 15.06 -35.54 -26.97
C VAL A 594 14.03 -34.37 -27.19
N GLY A 595 14.25 -33.26 -26.49
CA GLY A 595 13.28 -32.19 -26.48
C GLY A 595 13.74 -30.93 -25.75
N VAL A 596 12.92 -29.87 -25.85
CA VAL A 596 13.19 -28.60 -25.20
C VAL A 596 11.92 -28.22 -24.46
N VAL A 597 12.06 -27.72 -23.23
CA VAL A 597 10.91 -27.07 -22.54
C VAL A 597 11.21 -25.50 -22.32
N GLY A 598 10.15 -24.71 -22.45
CA GLY A 598 10.17 -23.28 -22.17
C GLY A 598 9.21 -22.85 -21.08
N MET A 599 9.81 -22.28 -20.03
CA MET A 599 8.97 -21.92 -18.86
C MET A 599 9.08 -20.37 -18.69
N LEU A 600 7.99 -19.80 -18.15
CA LEU A 600 8.15 -18.50 -17.55
C LEU A 600 7.24 -18.45 -16.39
N ASP A 601 7.54 -17.48 -15.53
CA ASP A 601 6.59 -16.97 -14.47
C ASP A 601 5.53 -15.97 -15.13
N PRO A 602 4.32 -16.39 -15.30
CA PRO A 602 3.25 -15.71 -16.01
C PRO A 602 2.52 -14.63 -15.21
N PRO A 603 1.97 -13.60 -15.89
CA PRO A 603 1.18 -12.52 -15.31
C PRO A 603 -0.05 -13.12 -14.81
N ARG A 604 -0.59 -12.52 -13.76
CA ARG A 604 -1.95 -12.83 -13.33
C ARG A 604 -2.86 -12.35 -14.41
N LYS A 605 -4.08 -12.86 -14.41
CA LYS A 605 -4.89 -12.79 -15.60
C LYS A 605 -5.63 -11.44 -15.66
N GLU A 606 -5.90 -10.86 -14.51
CA GLU A 606 -6.53 -9.54 -14.50
C GLU A 606 -5.58 -8.32 -14.70
N VAL A 607 -4.28 -8.51 -14.66
CA VAL A 607 -3.35 -7.36 -14.76
C VAL A 607 -3.44 -6.53 -16.07
N MET A 608 -3.35 -7.18 -17.21
CA MET A 608 -3.43 -6.46 -18.48
C MET A 608 -4.61 -5.49 -18.50
N GLY A 609 -5.75 -6.04 -18.11
CA GLY A 609 -6.99 -5.30 -18.04
C GLY A 609 -6.93 -4.17 -17.04
N SER A 610 -6.44 -4.51 -15.88
CA SER A 610 -6.21 -3.42 -14.92
C SER A 610 -5.27 -2.30 -15.42
N ILE A 611 -4.26 -2.65 -16.24
CA ILE A 611 -3.32 -1.58 -16.56
C ILE A 611 -4.09 -0.57 -17.52
N GLN A 612 -4.95 -1.14 -18.38
CA GLN A 612 -5.60 -0.40 -19.41
C GLN A 612 -6.66 0.52 -18.73
N LEU A 613 -7.30 0.03 -17.68
CA LEU A 613 -8.19 0.90 -16.94
C LEU A 613 -7.47 1.97 -16.19
N CYS A 614 -6.23 1.75 -15.78
CA CYS A 614 -5.54 2.84 -15.09
C CYS A 614 -5.22 3.93 -16.06
N ARG A 615 -4.93 3.45 -17.28
CA ARG A 615 -4.46 4.28 -18.36
C ARG A 615 -5.66 5.20 -18.71
N ASP A 616 -6.86 4.60 -18.69
CA ASP A 616 -8.08 5.37 -18.96
C ASP A 616 -8.33 6.34 -17.83
N ALA A 617 -7.91 6.06 -16.61
CA ALA A 617 -8.11 7.10 -15.63
C ALA A 617 -6.91 8.02 -15.55
N GLY A 618 -6.03 8.06 -16.57
CA GLY A 618 -4.82 8.87 -16.46
C GLY A 618 -3.76 8.46 -15.41
N ILE A 619 -3.67 7.15 -15.05
CA ILE A 619 -2.64 6.67 -14.14
C ILE A 619 -1.54 5.96 -14.97
N ARG A 620 -0.26 6.32 -14.77
CA ARG A 620 0.90 5.64 -15.41
C ARG A 620 1.26 4.34 -14.53
N VAL A 621 1.56 3.22 -15.20
CA VAL A 621 2.03 1.99 -14.52
C VAL A 621 3.52 1.73 -14.82
N ILE A 622 4.33 1.58 -13.80
CA ILE A 622 5.78 1.47 -13.98
C ILE A 622 6.20 0.11 -13.22
N MET A 623 6.93 -0.76 -13.90
CA MET A 623 7.46 -2.01 -13.28
C MET A 623 8.86 -1.79 -12.60
N ILE A 624 8.99 -2.15 -11.32
CA ILE A 624 10.33 -2.17 -10.61
C ILE A 624 10.57 -3.57 -10.04
N THR A 625 11.50 -4.21 -10.73
CA THR A 625 11.75 -5.59 -10.51
C THR A 625 13.22 -5.89 -10.22
N GLY A 626 13.39 -6.71 -9.16
CA GLY A 626 14.65 -7.36 -8.98
C GLY A 626 15.14 -8.37 -10.03
N ASP A 627 14.26 -8.76 -10.93
CA ASP A 627 14.55 -9.74 -11.93
C ASP A 627 15.28 -9.16 -13.14
N ASN A 628 15.69 -10.00 -14.06
CA ASN A 628 16.47 -9.53 -15.16
C ASN A 628 15.69 -8.78 -16.19
N LYS A 629 16.43 -7.94 -16.94
CA LYS A 629 15.79 -7.04 -17.85
C LYS A 629 14.91 -7.72 -18.99
N GLY A 630 15.45 -8.77 -19.65
CA GLY A 630 14.79 -9.52 -20.76
C GLY A 630 13.44 -10.11 -20.27
N THR A 631 13.33 -10.70 -19.08
CA THR A 631 12.07 -11.14 -18.63
C THR A 631 11.16 -9.95 -18.32
N ALA A 632 11.65 -8.94 -17.59
CA ALA A 632 10.99 -7.62 -17.25
C ALA A 632 10.26 -7.00 -18.44
N ILE A 633 11.01 -6.74 -19.49
CA ILE A 633 10.51 -6.28 -20.71
C ILE A 633 9.45 -7.20 -21.30
N ALA A 634 9.82 -8.45 -21.53
CA ALA A 634 8.88 -9.46 -22.08
C ALA A 634 7.56 -9.51 -21.34
N ILE A 635 7.62 -9.44 -20.03
CA ILE A 635 6.40 -9.39 -19.27
C ILE A 635 5.62 -8.05 -19.47
N CYS A 636 6.36 -6.93 -19.47
CA CYS A 636 5.78 -5.57 -19.74
C CYS A 636 5.00 -5.61 -21.06
N ARG A 637 5.56 -6.37 -21.98
CA ARG A 637 4.89 -6.42 -23.24
C ARG A 637 3.66 -7.31 -23.07
N ARG A 638 3.70 -8.35 -22.24
CA ARG A 638 2.54 -9.27 -22.29
C ARG A 638 1.40 -8.52 -21.60
N ILE A 639 1.70 -7.75 -20.57
CA ILE A 639 0.69 -6.98 -19.89
C ILE A 639 0.32 -5.56 -20.41
N GLY A 640 0.72 -5.15 -21.59
CA GLY A 640 0.44 -3.84 -22.09
C GLY A 640 1.23 -2.63 -21.54
N ILE A 641 2.16 -2.76 -20.60
CA ILE A 641 3.07 -1.65 -20.33
C ILE A 641 3.89 -1.24 -21.61
N PHE A 642 4.19 -2.12 -22.55
CA PHE A 642 4.90 -1.75 -23.77
C PHE A 642 4.12 -2.45 -24.83
N GLY A 643 4.10 -1.93 -26.06
CA GLY A 643 3.34 -2.54 -27.12
C GLY A 643 4.17 -3.71 -27.54
N GLU A 644 3.58 -4.67 -28.23
CA GLU A 644 4.34 -5.86 -28.60
C GLU A 644 5.60 -5.58 -29.37
N ASN A 645 5.73 -4.44 -30.02
CA ASN A 645 6.97 -4.16 -30.74
C ASN A 645 7.48 -2.76 -30.47
N GLU A 646 7.03 -2.12 -29.42
CA GLU A 646 7.52 -0.80 -29.19
C GLU A 646 9.10 -0.94 -29.05
N GLU A 647 9.85 0.04 -29.48
CA GLU A 647 11.27 -0.01 -29.11
C GLU A 647 11.43 0.50 -27.71
N VAL A 648 12.34 -0.06 -26.93
CA VAL A 648 12.37 0.37 -25.56
C VAL A 648 13.80 0.65 -25.04
N ALA A 649 14.72 0.84 -25.94
CA ALA A 649 16.08 1.29 -25.61
C ALA A 649 16.17 2.32 -24.45
N ASP A 650 15.39 3.40 -24.56
CA ASP A 650 15.49 4.48 -23.56
C ASP A 650 14.39 4.39 -22.53
N ARG A 651 13.70 3.26 -22.46
CA ARG A 651 12.44 3.20 -21.71
C ARG A 651 12.57 2.13 -20.64
N ALA A 652 13.71 1.41 -20.63
CA ALA A 652 13.98 0.24 -19.69
C ALA A 652 15.45 0.24 -19.19
N TYR A 653 15.65 0.08 -17.89
CA TYR A 653 17.03 0.13 -17.34
C TYR A 653 17.21 -0.96 -16.32
N THR A 654 18.44 -1.38 -16.22
CA THR A 654 18.87 -2.13 -15.00
C THR A 654 19.29 -1.10 -13.93
N GLY A 655 19.16 -1.54 -12.68
CA GLY A 655 19.81 -0.99 -11.49
C GLY A 655 21.16 -0.40 -11.83
N ARG A 656 21.97 -1.20 -12.52
CA ARG A 656 23.32 -0.72 -12.69
C ARG A 656 23.39 0.39 -13.74
N GLU A 657 22.64 0.25 -14.87
CA GLU A 657 22.57 1.35 -15.81
C GLU A 657 22.02 2.61 -15.14
N PHE A 658 20.99 2.46 -14.32
CA PHE A 658 20.42 3.62 -13.72
C PHE A 658 21.52 4.28 -12.82
N ASP A 659 22.23 3.47 -12.03
CA ASP A 659 23.28 4.02 -11.17
C ASP A 659 24.42 4.75 -11.94
N ASP A 660 24.61 4.44 -13.22
CA ASP A 660 25.53 5.19 -14.05
C ASP A 660 24.97 6.54 -14.53
N LEU A 661 23.68 6.76 -14.50
CA LEU A 661 23.18 8.04 -14.94
C LEU A 661 23.45 9.11 -13.87
N PRO A 662 23.81 10.32 -14.31
CA PRO A 662 23.77 11.44 -13.35
C PRO A 662 22.48 11.68 -12.74
N LEU A 663 22.52 12.29 -11.59
CA LEU A 663 21.33 12.69 -10.89
C LEU A 663 20.19 13.28 -11.77
N ALA A 664 20.47 14.33 -12.55
CA ALA A 664 19.41 14.92 -13.33
C ALA A 664 18.81 13.88 -14.31
N GLU A 665 19.68 13.03 -14.84
CA GLU A 665 19.32 11.96 -15.76
C GLU A 665 18.50 10.80 -15.16
N GLN A 666 18.86 10.42 -13.96
CA GLN A 666 18.08 9.45 -13.23
C GLN A 666 16.68 9.94 -13.05
N ARG A 667 16.61 11.23 -12.73
CA ARG A 667 15.36 11.80 -12.29
C ARG A 667 14.40 11.86 -13.49
N GLU A 668 14.92 12.35 -14.57
CA GLU A 668 14.24 12.34 -15.84
C GLU A 668 13.87 10.89 -16.29
N ALA A 669 14.78 9.95 -16.10
CA ALA A 669 14.53 8.57 -16.47
C ALA A 669 13.27 7.99 -15.76
N CYS A 670 12.98 8.43 -14.56
CA CYS A 670 11.74 7.95 -13.93
C CYS A 670 10.43 8.49 -14.56
N ARG A 671 10.50 9.42 -15.51
CA ARG A 671 9.34 9.95 -16.23
C ARG A 671 9.35 9.36 -17.57
N ARG A 672 10.51 9.09 -18.09
CA ARG A 672 10.56 8.62 -19.45
C ARG A 672 10.34 7.08 -19.37
N ALA A 673 10.82 6.40 -18.33
CA ALA A 673 10.92 4.92 -18.45
C ALA A 673 9.87 4.16 -17.71
N CYS A 674 9.61 2.93 -18.13
CA CYS A 674 8.44 2.25 -17.60
C CYS A 674 8.88 0.89 -16.98
N CYS A 675 10.15 0.51 -17.17
CA CYS A 675 10.73 -0.78 -16.79
C CYS A 675 12.12 -0.66 -16.16
N PHE A 676 12.15 -1.01 -14.88
CA PHE A 676 13.38 -0.97 -14.06
C PHE A 676 13.62 -2.38 -13.51
N ALA A 677 14.70 -2.96 -13.98
CA ALA A 677 15.04 -4.31 -13.75
C ALA A 677 16.36 -4.47 -12.99
N ARG A 678 16.51 -5.69 -12.43
CA ARG A 678 17.68 -6.06 -11.73
C ARG A 678 18.09 -4.93 -10.71
N VAL A 679 17.16 -4.54 -9.91
CA VAL A 679 17.44 -3.53 -8.97
C VAL A 679 17.55 -4.00 -7.52
N GLU A 680 18.12 -3.12 -6.72
CA GLU A 680 18.09 -3.36 -5.32
C GLU A 680 16.90 -2.71 -4.68
N PRO A 681 16.69 -3.05 -3.42
CA PRO A 681 15.54 -2.49 -2.68
C PRO A 681 15.60 -0.92 -2.69
N SER A 682 16.72 -0.34 -2.29
CA SER A 682 16.94 1.12 -2.50
C SER A 682 16.61 1.75 -3.85
N HIS A 683 16.84 1.04 -4.93
CA HIS A 683 16.47 1.60 -6.19
C HIS A 683 14.96 1.84 -6.22
N LYS A 684 14.18 1.00 -5.53
CA LYS A 684 12.70 1.09 -5.69
C LYS A 684 12.19 2.37 -5.01
N SER A 685 12.72 2.66 -3.83
CA SER A 685 12.27 3.78 -3.09
C SER A 685 12.84 5.08 -3.68
N LYS A 686 14.01 4.99 -4.26
CA LYS A 686 14.63 6.05 -4.99
C LYS A 686 13.82 6.48 -6.23
N ILE A 687 13.33 5.53 -7.00
CA ILE A 687 12.47 5.82 -8.09
C ILE A 687 11.17 6.52 -7.64
N VAL A 688 10.56 5.97 -6.60
CA VAL A 688 9.49 6.63 -5.90
C VAL A 688 9.77 8.09 -5.44
N GLU A 689 10.87 8.31 -4.73
CA GLU A 689 11.29 9.64 -4.34
C GLU A 689 11.39 10.55 -5.60
N TYR A 690 12.03 10.07 -6.66
CA TYR A 690 12.12 10.89 -7.85
C TYR A 690 10.73 11.21 -8.44
N LEU A 691 9.87 10.22 -8.55
CA LEU A 691 8.54 10.50 -9.07
C LEU A 691 7.87 11.58 -8.12
N GLN A 692 8.06 11.45 -6.81
CA GLN A 692 7.40 12.36 -5.88
C GLN A 692 7.99 13.79 -5.96
N SER A 693 9.15 13.96 -6.56
CA SER A 693 9.79 15.23 -6.57
C SER A 693 9.33 16.07 -7.80
N TYR A 694 8.57 15.45 -8.69
CA TYR A 694 7.74 16.09 -9.65
C TYR A 694 6.36 16.31 -9.08
N ASP A 695 6.22 16.16 -7.77
CA ASP A 695 4.90 16.28 -7.13
C ASP A 695 3.84 15.34 -7.59
N GLU A 696 4.23 14.20 -8.11
CA GLU A 696 3.24 13.17 -8.31
C GLU A 696 2.92 12.36 -7.05
N ILE A 697 1.63 12.15 -6.83
CA ILE A 697 1.09 11.25 -5.84
C ILE A 697 1.35 9.89 -6.52
N THR A 698 2.14 9.09 -5.80
CA THR A 698 2.71 7.82 -6.23
C THR A 698 2.36 6.69 -5.31
N ALA A 699 1.82 5.66 -5.90
CA ALA A 699 1.56 4.42 -5.27
C ALA A 699 2.72 3.36 -5.54
N MET A 700 2.82 2.34 -4.69
CA MET A 700 3.72 1.16 -4.83
C MET A 700 2.92 -0.12 -4.53
N THR A 701 3.03 -1.09 -5.41
CA THR A 701 2.38 -2.32 -5.22
C THR A 701 3.51 -3.36 -5.19
N GLY A 702 3.46 -4.31 -4.25
CA GLY A 702 4.38 -5.44 -4.23
C GLY A 702 4.16 -6.47 -3.10
N ASP A 703 5.15 -7.34 -2.96
CA ASP A 703 4.98 -8.57 -2.07
C ASP A 703 6.19 -8.99 -1.31
N GLY A 704 7.36 -8.49 -1.69
CA GLY A 704 8.65 -8.81 -1.12
C GLY A 704 9.13 -7.94 -0.03
N VAL A 705 9.99 -8.52 0.80
CA VAL A 705 10.85 -7.72 1.61
C VAL A 705 11.62 -6.66 0.76
N ASN A 706 11.97 -6.99 -0.49
CA ASN A 706 12.76 -6.10 -1.20
C ASN A 706 11.82 -4.90 -1.58
N ASP A 707 10.50 -5.08 -1.47
CA ASP A 707 9.57 -4.00 -1.85
C ASP A 707 9.35 -3.05 -0.67
N ALA A 708 9.79 -3.39 0.57
CA ALA A 708 9.21 -2.68 1.69
C ALA A 708 9.65 -1.22 1.70
N PRO A 709 10.91 -0.96 1.49
CA PRO A 709 11.22 0.51 1.47
C PRO A 709 10.31 1.32 0.50
N ALA A 710 10.14 0.88 -0.74
CA ALA A 710 9.33 1.61 -1.69
C ALA A 710 7.87 1.67 -1.21
N LEU A 711 7.37 0.67 -0.47
CA LEU A 711 5.96 0.72 -0.11
C LEU A 711 5.72 1.74 0.99
N LYS A 712 6.73 1.89 1.77
CA LYS A 712 6.73 2.80 2.85
C LYS A 712 6.86 4.23 2.28
N LYS A 713 7.63 4.40 1.26
CA LYS A 713 7.90 5.71 0.76
C LYS A 713 6.76 6.22 -0.15
N ALA A 714 6.07 5.33 -0.82
CA ALA A 714 4.99 5.75 -1.64
C ALA A 714 3.90 6.52 -0.81
N GLU A 715 3.00 7.25 -1.47
CA GLU A 715 1.83 7.82 -0.77
C GLU A 715 0.92 6.78 -0.25
N ILE A 716 0.70 5.69 -1.00
CA ILE A 716 0.15 4.45 -0.52
C ILE A 716 0.92 3.20 -1.03
N GLY A 717 1.19 2.29 -0.07
CA GLY A 717 1.66 0.95 -0.26
C GLY A 717 0.53 -0.04 -0.29
N ILE A 718 0.45 -0.78 -1.39
CA ILE A 718 -0.45 -1.88 -1.54
C ILE A 718 0.33 -3.20 -1.66
N ALA A 719 0.14 -4.11 -0.69
CA ALA A 719 0.82 -5.44 -0.60
C ALA A 719 -0.05 -6.60 -1.12
N MET A 720 0.52 -7.62 -1.74
CA MET A 720 -0.36 -8.80 -2.04
C MET A 720 -0.69 -9.73 -0.88
N GLY A 721 -1.92 -10.27 -0.89
CA GLY A 721 -2.35 -11.23 0.12
C GLY A 721 -1.42 -12.44 0.32
N SER A 722 -0.94 -13.08 -0.75
CA SER A 722 0.04 -14.09 -0.54
C SER A 722 1.46 -13.68 -0.36
N GLY A 723 1.82 -12.41 -0.26
CA GLY A 723 3.27 -12.18 -0.08
C GLY A 723 3.68 -12.06 1.38
N THR A 724 4.80 -11.47 1.61
CA THR A 724 5.36 -11.43 2.90
C THR A 724 4.70 -10.57 3.94
N ALA A 725 4.93 -10.92 5.17
CA ALA A 725 4.45 -10.17 6.25
C ALA A 725 5.12 -8.83 6.19
N VAL A 726 6.41 -8.82 5.88
CA VAL A 726 7.12 -7.55 5.87
C VAL A 726 6.39 -6.59 4.91
N ALA A 727 6.13 -7.04 3.68
CA ALA A 727 5.46 -6.18 2.74
C ALA A 727 4.08 -5.77 3.27
N LYS A 728 3.32 -6.73 3.79
CA LYS A 728 2.04 -6.43 4.40
C LYS A 728 2.09 -5.37 5.51
N THR A 729 3.08 -5.37 6.33
CA THR A 729 2.98 -4.45 7.42
C THR A 729 3.55 -3.09 7.03
N ALA A 730 4.36 -2.99 5.96
CA ALA A 730 4.73 -1.65 5.42
C ALA A 730 3.59 -1.05 4.54
N SER A 731 2.55 -1.80 4.23
CA SER A 731 1.49 -1.38 3.36
C SER A 731 0.32 -0.71 4.06
N GLU A 732 -0.46 0.10 3.35
CA GLU A 732 -1.74 0.54 3.89
C GLU A 732 -2.89 -0.27 3.40
N MET A 733 -2.70 -0.98 2.33
CA MET A 733 -3.77 -1.81 1.90
C MET A 733 -3.21 -3.14 1.41
N VAL A 734 -4.02 -4.22 1.60
CA VAL A 734 -3.66 -5.56 1.24
C VAL A 734 -4.71 -6.21 0.34
N LEU A 735 -4.27 -6.81 -0.79
CA LEU A 735 -5.20 -7.52 -1.65
C LEU A 735 -5.26 -8.99 -1.20
N ALA A 736 -6.11 -9.26 -0.23
CA ALA A 736 -6.21 -10.59 0.43
C ALA A 736 -6.20 -11.69 -0.59
N ASP A 737 -6.99 -11.57 -1.63
CA ASP A 737 -7.04 -12.54 -2.72
C ASP A 737 -6.15 -12.30 -3.88
N ASP A 738 -5.27 -11.30 -3.77
CA ASP A 738 -4.33 -11.01 -4.87
C ASP A 738 -4.96 -10.55 -6.17
N ASN A 739 -6.15 -9.99 -6.14
CA ASN A 739 -6.72 -9.51 -7.39
C ASN A 739 -6.37 -8.02 -7.69
N PHE A 740 -5.59 -7.85 -8.74
CA PHE A 740 -5.01 -6.56 -9.13
C PHE A 740 -6.14 -5.70 -9.69
N SER A 741 -7.17 -6.29 -10.27
CA SER A 741 -8.45 -5.52 -10.53
C SER A 741 -8.90 -4.67 -9.40
N THR A 742 -8.61 -5.15 -8.19
CA THR A 742 -9.14 -4.41 -7.06
C THR A 742 -8.55 -3.03 -7.01
N ILE A 743 -7.31 -2.88 -7.60
CA ILE A 743 -6.65 -1.60 -7.62
C ILE A 743 -7.50 -0.48 -8.27
N VAL A 744 -8.11 -0.83 -9.37
CA VAL A 744 -8.84 0.06 -10.19
C VAL A 744 -10.08 0.36 -9.38
N ALA A 745 -10.67 -0.66 -8.77
CA ALA A 745 -11.86 -0.35 -7.98
C ALA A 745 -11.48 0.56 -6.79
N ALA A 746 -10.27 0.38 -6.26
CA ALA A 746 -9.82 1.23 -5.17
C ALA A 746 -9.72 2.63 -5.69
N VAL A 747 -9.09 2.88 -6.87
CA VAL A 747 -9.21 4.23 -7.45
C VAL A 747 -10.66 4.83 -7.44
N GLU A 748 -11.61 4.10 -8.01
CA GLU A 748 -13.02 4.52 -8.05
C GLU A 748 -13.55 4.89 -6.67
N GLU A 749 -13.31 4.04 -5.70
CA GLU A 749 -13.70 4.40 -4.38
C GLU A 749 -13.04 5.72 -3.96
N GLY A 750 -11.75 5.85 -4.22
CA GLY A 750 -11.00 7.01 -3.80
C GLY A 750 -11.62 8.30 -4.26
N ARG A 751 -12.00 8.35 -5.53
CA ARG A 751 -12.61 9.54 -6.09
C ARG A 751 -13.94 9.77 -5.52
N ALA A 752 -14.57 8.68 -5.12
CA ALA A 752 -15.98 8.87 -4.71
C ALA A 752 -15.93 9.51 -3.34
N ILE A 753 -14.92 9.14 -2.56
CA ILE A 753 -14.71 9.65 -1.18
C ILE A 753 -14.36 11.12 -1.22
N TYR A 754 -13.34 11.49 -2.01
CA TYR A 754 -13.05 12.89 -2.25
C TYR A 754 -14.29 13.71 -2.58
N ASN A 755 -15.10 13.25 -3.54
CA ASN A 755 -16.37 13.97 -3.78
C ASN A 755 -17.33 14.08 -2.58
N ASN A 756 -17.56 12.99 -1.86
CA ASN A 756 -18.32 13.15 -0.64
C ASN A 756 -17.83 14.28 0.23
N MET A 757 -16.54 14.20 0.55
CA MET A 757 -15.87 15.07 1.49
C MET A 757 -16.04 16.50 1.03
N LYS A 758 -15.87 16.76 -0.27
CA LYS A 758 -16.12 18.10 -0.82
C LYS A 758 -17.52 18.58 -0.52
N GLN A 759 -18.50 17.72 -0.69
CA GLN A 759 -19.86 18.11 -0.58
C GLN A 759 -20.35 18.36 0.85
N PHE A 760 -19.74 17.66 1.82
CA PHE A 760 -20.19 17.85 3.19
C PHE A 760 -19.23 18.74 3.95
N ILE A 761 -18.06 19.01 3.36
CA ILE A 761 -17.23 20.11 3.86
C ILE A 761 -17.87 21.45 3.49
N ARG A 762 -18.13 21.65 2.19
CA ARG A 762 -18.89 22.81 1.73
C ARG A 762 -20.19 23.05 2.59
N TYR A 763 -20.95 21.98 2.81
CA TYR A 763 -22.23 22.00 3.51
C TYR A 763 -22.10 22.37 4.97
N LEU A 764 -21.10 21.81 5.62
CA LEU A 764 -20.86 22.14 7.02
C LEU A 764 -20.22 23.54 7.21
N ILE A 765 -19.17 23.89 6.44
CA ILE A 765 -18.50 25.17 6.64
C ILE A 765 -19.43 26.39 6.43
N SER A 766 -20.32 26.23 5.46
CA SER A 766 -21.45 27.07 5.26
C SER A 766 -22.03 27.39 6.63
N SER A 767 -22.57 26.37 7.30
CA SER A 767 -23.11 26.57 8.64
C SER A 767 -22.19 27.38 9.53
N ASN A 768 -21.00 26.84 9.72
CA ASN A 768 -19.90 27.55 10.34
C ASN A 768 -19.73 29.06 9.99
N VAL A 769 -19.84 29.46 8.73
CA VAL A 769 -19.74 30.88 8.43
C VAL A 769 -20.97 31.71 8.92
N GLY A 770 -22.14 31.08 8.97
CA GLY A 770 -23.33 31.75 9.41
C GLY A 770 -23.27 32.02 10.91
N GLU A 771 -22.69 31.10 11.65
CA GLU A 771 -22.56 31.30 13.08
C GLU A 771 -21.44 32.27 13.35
N VAL A 772 -20.35 32.25 12.60
CA VAL A 772 -19.41 33.31 12.91
C VAL A 772 -20.09 34.67 12.69
N VAL A 773 -21.02 34.71 11.73
CA VAL A 773 -21.64 35.97 11.25
C VAL A 773 -22.73 36.46 12.16
N CYS A 774 -23.44 35.55 12.80
CA CYS A 774 -24.33 35.93 13.90
C CYS A 774 -23.48 36.52 15.03
N ILE A 775 -22.53 35.75 15.55
CA ILE A 775 -21.70 36.15 16.71
C ILE A 775 -20.95 37.47 16.54
N PHE A 776 -20.59 37.80 15.30
CA PHE A 776 -19.93 39.07 15.02
C PHE A 776 -20.94 40.21 14.82
N LEU A 777 -22.23 39.89 14.89
CA LEU A 777 -23.25 40.93 14.83
C LEU A 777 -23.90 41.13 16.23
N THR A 778 -24.20 40.04 16.93
CA THR A 778 -24.47 40.11 18.37
C THR A 778 -23.18 40.53 19.10
N ALA A 779 -22.53 41.54 18.54
CA ALA A 779 -21.26 42.06 19.05
C ALA A 779 -21.01 43.45 18.50
N ALA A 780 -20.54 43.57 17.27
CA ALA A 780 -20.32 44.90 16.67
C ALA A 780 -21.58 45.81 16.68
N LEU A 781 -22.71 45.21 17.04
CA LEU A 781 -23.97 45.90 17.24
C LEU A 781 -24.45 45.68 18.69
N GLY A 782 -23.50 45.79 19.61
CA GLY A 782 -23.71 45.43 21.01
C GLY A 782 -25.07 44.80 21.18
N LEU A 783 -25.21 43.54 20.80
CA LEU A 783 -26.53 42.92 20.86
C LEU A 783 -26.53 41.79 21.86
N PRO A 784 -27.70 41.55 22.45
CA PRO A 784 -27.89 40.48 23.43
C PRO A 784 -27.47 39.17 22.78
N GLU A 785 -27.18 38.15 23.57
CA GLU A 785 -26.61 36.94 22.97
C GLU A 785 -27.63 36.21 22.10
N ALA A 786 -27.29 36.10 20.81
CA ALA A 786 -28.17 35.48 19.84
C ALA A 786 -28.03 33.96 19.86
N LEU A 787 -26.80 33.46 20.08
CA LEU A 787 -26.48 32.01 20.12
C LEU A 787 -25.29 31.65 21.06
N ILE A 788 -25.40 30.60 21.84
CA ILE A 788 -24.35 30.29 22.83
C ILE A 788 -23.50 29.04 22.51
N PRO A 789 -22.25 29.00 23.06
CA PRO A 789 -21.36 27.86 22.75
C PRO A 789 -22.01 26.52 22.99
N VAL A 790 -22.60 26.26 24.17
CA VAL A 790 -23.26 24.96 24.40
C VAL A 790 -24.15 24.51 23.23
N GLN A 791 -24.70 25.47 22.48
CA GLN A 791 -25.66 25.21 21.41
C GLN A 791 -25.00 24.89 20.05
N LEU A 792 -23.97 25.66 19.70
CA LEU A 792 -23.39 25.52 18.39
C LEU A 792 -22.74 24.12 18.35
N LEU A 793 -22.33 23.69 19.53
CA LEU A 793 -21.66 22.44 19.70
C LEU A 793 -22.64 21.33 19.41
N TRP A 794 -23.92 21.65 19.52
CA TRP A 794 -24.93 20.64 19.30
C TRP A 794 -25.31 20.58 17.83
N VAL A 795 -25.68 21.71 17.26
CA VAL A 795 -25.85 21.83 15.82
C VAL A 795 -24.64 21.29 15.05
N ASN A 796 -23.45 21.66 15.53
CA ASN A 796 -22.17 21.35 14.90
C ASN A 796 -21.64 19.91 15.09
N LEU A 797 -22.02 19.24 16.18
CA LEU A 797 -21.69 17.81 16.31
C LEU A 797 -22.81 16.97 15.74
N VAL A 798 -24.05 17.22 16.19
CA VAL A 798 -25.21 16.39 15.86
C VAL A 798 -26.16 16.81 14.72
N THR A 799 -26.95 17.87 14.91
CA THR A 799 -27.96 18.28 13.92
C THR A 799 -27.42 18.51 12.50
N ASP A 800 -26.18 18.98 12.39
CA ASP A 800 -25.52 19.04 11.10
C ASP A 800 -24.82 17.70 10.77
N GLY A 801 -24.43 16.97 11.80
CA GLY A 801 -23.67 15.74 11.62
C GLY A 801 -24.47 14.61 11.01
N LEU A 802 -25.70 14.44 11.44
CA LEU A 802 -26.50 13.38 10.85
C LEU A 802 -26.73 13.62 9.36
N PRO A 803 -27.14 14.83 8.94
CA PRO A 803 -27.29 14.99 7.49
C PRO A 803 -25.98 14.91 6.66
N ALA A 804 -24.87 15.34 7.26
CA ALA A 804 -23.61 15.52 6.56
C ALA A 804 -23.06 14.12 6.28
N THR A 805 -23.21 13.28 7.29
CA THR A 805 -23.03 11.87 7.17
C THR A 805 -24.03 11.25 6.20
N ALA A 806 -25.22 11.84 6.05
CA ALA A 806 -26.22 11.26 5.17
C ALA A 806 -26.01 11.58 3.69
N LEU A 807 -25.47 12.77 3.39
CA LEU A 807 -25.05 13.09 2.04
C LEU A 807 -24.07 12.01 1.59
N GLY A 808 -23.42 11.37 2.56
CA GLY A 808 -22.56 10.25 2.30
C GLY A 808 -23.07 9.20 1.33
N PHE A 809 -24.36 8.85 1.47
CA PHE A 809 -25.04 7.69 0.85
C PHE A 809 -25.47 7.78 -0.63
N ASN A 810 -25.07 8.86 -1.27
CA ASN A 810 -25.00 8.98 -2.73
C ASN A 810 -24.34 7.77 -3.51
N PRO A 811 -25.04 7.21 -4.52
CA PRO A 811 -24.31 6.39 -5.50
C PRO A 811 -23.39 7.26 -6.39
N PRO A 812 -22.07 6.92 -6.45
CA PRO A 812 -21.02 7.71 -7.10
C PRO A 812 -21.37 8.18 -8.52
N ASP A 813 -20.61 9.14 -9.05
CA ASP A 813 -20.81 9.58 -10.43
C ASP A 813 -20.52 8.46 -11.42
N LEU A 814 -21.15 8.55 -12.59
CA LEU A 814 -21.01 7.49 -13.61
C LEU A 814 -19.64 7.58 -14.28
N ASP A 815 -19.05 8.77 -14.17
CA ASP A 815 -18.00 9.28 -15.02
C ASP A 815 -16.74 9.62 -14.25
N ILE A 816 -16.66 9.16 -13.00
CA ILE A 816 -15.54 9.54 -12.17
C ILE A 816 -14.23 8.90 -12.69
N MET A 817 -14.30 7.81 -13.47
CA MET A 817 -13.09 7.11 -13.94
C MET A 817 -12.66 7.50 -15.33
N ASP A 818 -13.25 8.57 -15.83
CA ASP A 818 -12.93 8.90 -17.20
C ASP A 818 -12.63 10.34 -17.25
N ARG A 819 -11.40 10.63 -16.90
CA ARG A 819 -10.91 11.89 -16.34
C ARG A 819 -9.58 11.36 -15.69
N PRO A 820 -8.49 12.04 -16.01
CA PRO A 820 -7.25 11.96 -15.24
C PRO A 820 -7.46 12.34 -13.77
N PRO A 821 -6.45 12.05 -12.97
CA PRO A 821 -6.65 12.43 -11.56
C PRO A 821 -6.48 13.92 -11.24
N ARG A 822 -7.07 14.36 -10.15
CA ARG A 822 -6.97 15.77 -9.74
C ARG A 822 -5.50 16.12 -9.53
N SER A 823 -5.09 17.32 -9.83
CA SER A 823 -3.74 17.73 -9.50
C SER A 823 -3.57 17.93 -8.01
N PRO A 824 -2.38 17.69 -7.53
CA PRO A 824 -1.98 17.81 -6.12
C PRO A 824 -2.20 19.26 -5.70
N LYS A 825 -2.04 20.17 -6.67
CA LYS A 825 -2.20 21.63 -6.46
C LYS A 825 -3.63 22.16 -6.60
N GLU A 826 -4.65 21.30 -6.60
CA GLU A 826 -6.07 21.74 -6.72
C GLU A 826 -6.68 21.78 -5.37
N PRO A 827 -6.95 22.99 -4.88
CA PRO A 827 -7.46 23.28 -3.53
C PRO A 827 -8.78 22.57 -3.30
N LEU A 828 -9.15 22.43 -2.03
CA LEU A 828 -10.34 21.65 -1.71
C LEU A 828 -11.53 22.35 -2.25
N ILE A 829 -11.90 23.40 -1.54
CA ILE A 829 -12.95 24.26 -1.99
C ILE A 829 -12.21 25.36 -2.67
N SER A 830 -12.66 25.75 -3.85
CA SER A 830 -12.17 26.99 -4.41
C SER A 830 -12.99 27.60 -5.53
N GLY A 831 -13.33 28.87 -5.26
CA GLY A 831 -13.48 29.89 -6.27
C GLY A 831 -14.88 30.46 -6.24
N TRP A 832 -15.65 30.04 -7.22
CA TRP A 832 -17.09 30.01 -7.20
C TRP A 832 -17.55 29.44 -5.87
N LEU A 833 -17.06 28.22 -5.59
CA LEU A 833 -17.59 27.39 -4.52
C LEU A 833 -17.42 28.06 -3.15
N PHE A 834 -16.33 28.80 -2.99
CA PHE A 834 -16.06 29.46 -1.74
C PHE A 834 -17.10 30.60 -1.55
N PHE A 835 -17.19 31.45 -2.57
CA PHE A 835 -18.20 32.53 -2.70
C PHE A 835 -19.57 32.01 -2.34
N ARG A 836 -19.80 30.77 -2.74
CA ARG A 836 -21.10 30.14 -2.69
C ARG A 836 -21.48 29.62 -1.30
N TYR A 837 -20.49 29.17 -0.52
CA TYR A 837 -20.74 28.94 0.90
C TYR A 837 -20.70 30.23 1.72
N MET A 838 -19.88 31.17 1.27
CA MET A 838 -19.85 32.44 1.90
C MET A 838 -21.27 33.03 1.93
N ALA A 839 -21.88 33.12 0.75
CA ALA A 839 -23.18 33.75 0.62
C ALA A 839 -24.20 32.99 1.42
N ILE A 840 -24.10 31.67 1.44
CA ILE A 840 -24.95 30.90 2.33
C ILE A 840 -24.68 31.35 3.76
N GLY A 841 -23.40 31.43 4.11
CA GLY A 841 -22.97 31.78 5.46
C GLY A 841 -23.61 33.07 5.95
N GLY A 842 -23.34 34.15 5.23
CA GLY A 842 -23.85 35.44 5.61
C GLY A 842 -25.35 35.44 5.83
N TYR A 843 -26.09 34.82 4.92
CA TYR A 843 -27.56 34.81 4.93
C TYR A 843 -28.07 34.09 6.16
N VAL A 844 -27.28 33.12 6.61
CA VAL A 844 -27.55 32.46 7.87
C VAL A 844 -27.24 33.45 8.97
N GLY A 845 -26.12 34.15 8.83
CA GLY A 845 -25.65 35.05 9.85
C GLY A 845 -26.66 36.14 10.11
N ALA A 846 -27.22 36.64 9.02
CA ALA A 846 -28.16 37.73 9.05
C ALA A 846 -29.54 37.20 9.39
N ALA A 847 -29.76 35.91 9.14
CA ALA A 847 -31.08 35.33 9.41
C ALA A 847 -31.23 35.03 10.88
N THR A 848 -30.15 34.59 11.52
CA THR A 848 -30.18 34.28 12.96
C THR A 848 -30.23 35.50 13.90
N VAL A 849 -29.44 36.53 13.61
CA VAL A 849 -29.52 37.79 14.32
C VAL A 849 -30.99 38.26 14.32
N GLY A 850 -31.54 38.35 13.11
CA GLY A 850 -32.90 38.77 12.86
C GLY A 850 -33.94 38.11 13.73
N ALA A 851 -34.15 36.82 13.56
CA ALA A 851 -35.17 36.10 14.31
C ALA A 851 -35.06 36.30 15.84
N ALA A 852 -33.84 36.58 16.32
CA ALA A 852 -33.62 37.07 17.69
C ALA A 852 -34.09 38.51 17.78
N ALA A 853 -33.50 39.37 16.95
CA ALA A 853 -33.79 40.80 16.93
C ALA A 853 -35.23 41.12 16.58
N TRP A 854 -36.01 40.10 16.29
CA TRP A 854 -37.39 40.31 15.91
C TRP A 854 -38.33 39.54 16.82
N TRP A 855 -37.79 38.86 17.81
CA TRP A 855 -38.59 38.51 18.97
C TRP A 855 -38.30 39.51 20.08
N PHE A 856 -37.53 40.54 19.73
CA PHE A 856 -37.31 41.65 20.65
C PHE A 856 -38.16 42.87 20.25
N MET A 857 -38.58 42.94 18.99
CA MET A 857 -39.35 44.09 18.52
C MET A 857 -40.76 43.71 18.08
N TYR A 858 -40.93 43.54 16.76
CA TYR A 858 -42.21 43.21 16.16
C TYR A 858 -42.96 42.05 16.85
N ALA A 859 -42.39 41.44 17.87
CA ALA A 859 -42.93 40.21 18.45
C ALA A 859 -43.81 40.42 19.70
N GLU A 860 -45.13 40.32 19.49
CA GLU A 860 -46.14 40.54 20.54
C GLU A 860 -45.66 40.05 21.91
N ASP A 861 -44.77 39.05 21.88
CA ASP A 861 -44.30 38.35 23.08
C ASP A 861 -43.17 39.05 23.86
N GLY A 862 -42.64 40.15 23.35
CA GLY A 862 -41.62 40.87 24.09
C GLY A 862 -41.31 42.25 23.55
N PRO A 863 -42.34 43.05 23.30
CA PRO A 863 -42.21 44.40 22.71
C PRO A 863 -41.03 45.20 23.29
N GLY A 864 -39.87 45.18 22.63
CA GLY A 864 -38.74 46.00 23.05
C GLY A 864 -38.62 47.30 22.25
N VAL A 865 -37.64 48.16 22.59
CA VAL A 865 -37.63 49.50 22.00
C VAL A 865 -37.33 49.45 20.51
N THR A 866 -38.41 49.58 19.74
CA THR A 866 -38.49 49.30 18.31
C THR A 866 -37.95 50.44 17.40
N TYR A 867 -36.90 51.11 17.85
CA TYR A 867 -36.19 52.05 16.99
C TYR A 867 -34.69 51.72 17.03
N HIS A 868 -34.37 50.44 17.31
CA HIS A 868 -33.01 49.83 17.36
C HIS A 868 -32.39 49.89 18.78
N GLN A 869 -33.16 50.46 19.72
CA GLN A 869 -32.69 50.71 21.07
C GLN A 869 -32.39 49.43 21.82
N LEU A 870 -32.58 48.31 21.13
CA LEU A 870 -32.25 46.98 21.63
C LEU A 870 -30.73 46.79 21.61
N THR A 871 -30.04 47.76 21.04
CA THR A 871 -28.58 47.79 21.02
C THR A 871 -28.02 47.94 22.44
N HIS A 872 -28.77 48.58 23.32
CA HIS A 872 -28.25 48.84 24.65
C HIS A 872 -28.74 47.88 25.70
N PHE A 873 -27.97 46.82 25.87
CA PHE A 873 -28.13 45.90 26.99
C PHE A 873 -27.15 46.31 28.09
N MET A 874 -26.62 47.52 27.97
CA MET A 874 -25.71 48.10 28.95
C MET A 874 -26.54 48.70 30.11
N GLN A 875 -27.35 49.70 29.74
CA GLN A 875 -28.14 50.48 30.67
C GLN A 875 -29.43 49.77 31.07
N CYS A 876 -29.25 48.61 31.69
CA CYS A 876 -30.35 47.82 32.17
C CYS A 876 -30.96 48.56 33.33
N THR A 877 -30.51 48.20 34.53
CA THR A 877 -30.87 48.96 35.73
C THR A 877 -30.08 50.27 35.66
N GLU A 878 -28.93 50.21 34.98
CA GLU A 878 -28.05 51.36 34.77
C GLU A 878 -28.80 52.65 34.37
N ASP A 879 -29.71 52.56 33.41
CA ASP A 879 -30.57 53.69 33.05
C ASP A 879 -32.03 53.26 33.06
N HIS A 880 -32.38 52.41 34.04
CA HIS A 880 -33.71 51.82 34.13
C HIS A 880 -34.83 52.79 33.78
N PRO A 881 -34.72 54.06 34.23
CA PRO A 881 -35.78 55.04 33.93
C PRO A 881 -35.56 55.74 32.59
N HIS A 882 -34.54 55.31 31.84
CA HIS A 882 -34.27 55.85 30.51
C HIS A 882 -35.38 55.45 29.53
N PHE A 883 -34.94 54.89 28.40
CA PHE A 883 -35.84 54.44 27.35
C PHE A 883 -36.38 53.06 27.67
N GLU A 884 -37.31 53.02 28.63
CA GLU A 884 -37.77 51.79 29.27
C GLU A 884 -39.29 51.74 29.40
N GLY A 885 -39.82 51.34 30.55
CA GLY A 885 -41.25 51.21 30.73
C GLY A 885 -41.71 49.78 30.98
N LEU A 886 -40.78 48.97 31.47
CA LEU A 886 -41.03 47.56 31.80
C LEU A 886 -39.70 46.89 32.25
N ASP A 887 -39.54 45.58 31.99
CA ASP A 887 -38.58 44.77 32.75
C ASP A 887 -37.08 45.06 32.57
N CYS A 888 -36.27 44.04 32.88
CA CYS A 888 -34.81 44.16 32.97
C CYS A 888 -34.00 42.90 32.58
N GLU A 889 -34.54 41.72 32.89
CA GLU A 889 -33.84 40.43 32.68
C GLU A 889 -34.32 39.74 31.40
N ILE A 890 -34.66 40.57 30.40
CA ILE A 890 -35.41 40.19 29.19
C ILE A 890 -34.49 39.75 28.02
N PHE A 891 -33.20 40.04 28.16
CA PHE A 891 -32.20 39.74 27.13
C PHE A 891 -31.69 38.30 27.30
N GLU A 892 -31.57 37.88 28.56
CA GLU A 892 -31.11 36.55 28.89
C GLU A 892 -32.18 35.51 28.58
N ALA A 893 -33.37 36.00 28.23
CA ALA A 893 -34.44 35.14 27.77
C ALA A 893 -33.93 34.10 26.76
N PRO A 894 -34.49 32.88 26.82
CA PRO A 894 -34.26 31.82 25.83
C PRO A 894 -34.88 32.11 24.46
N GLU A 895 -36.08 32.69 24.45
CA GLU A 895 -36.75 33.00 23.18
C GLU A 895 -35.83 33.64 22.12
N PRO A 896 -35.24 34.82 22.41
CA PRO A 896 -34.42 35.48 21.39
C PRO A 896 -33.43 34.47 20.83
N MET A 897 -32.98 33.56 21.69
CA MET A 897 -32.07 32.51 21.29
C MET A 897 -32.80 31.35 20.60
N THR A 898 -33.97 30.97 21.12
CA THR A 898 -34.70 29.85 20.53
C THR A 898 -35.22 30.18 19.14
N MET A 899 -35.47 31.46 18.87
CA MET A 899 -35.72 31.83 17.48
C MET A 899 -34.42 31.85 16.64
N ALA A 900 -33.30 32.20 17.30
CA ALA A 900 -32.02 32.40 16.62
C ALA A 900 -31.46 31.05 16.20
N LEU A 901 -31.61 30.08 17.09
CA LEU A 901 -31.06 28.75 16.88
C LEU A 901 -32.03 27.89 16.10
N SER A 902 -33.31 28.18 16.19
CA SER A 902 -34.24 27.42 15.38
C SER A 902 -34.03 27.73 13.93
N VAL A 903 -33.66 28.97 13.64
CA VAL A 903 -33.34 29.34 12.28
C VAL A 903 -31.96 28.81 11.80
N LEU A 904 -30.96 28.78 12.68
CA LEU A 904 -29.67 28.21 12.28
C LEU A 904 -29.89 26.76 11.93
N VAL A 905 -30.88 26.13 12.54
CA VAL A 905 -31.16 24.72 12.25
C VAL A 905 -32.00 24.50 10.97
N THR A 906 -33.21 25.06 10.92
CA THR A 906 -34.08 24.93 9.73
C THR A 906 -33.39 25.38 8.43
N ILE A 907 -32.46 26.33 8.56
CA ILE A 907 -31.69 26.79 7.43
C ILE A 907 -30.73 25.66 6.98
N GLU A 908 -30.01 25.06 7.92
CA GLU A 908 -29.09 23.99 7.57
C GLU A 908 -29.84 22.74 7.07
N MET A 909 -31.09 22.57 7.47
CA MET A 909 -31.86 21.47 6.92
C MET A 909 -32.12 21.66 5.43
N CYS A 910 -32.57 22.83 5.02
CA CYS A 910 -32.78 23.11 3.59
C CYS A 910 -31.48 22.95 2.86
N ASN A 911 -30.39 23.39 3.50
CA ASN A 911 -29.07 23.36 2.91
C ASN A 911 -28.63 21.92 2.62
N ALA A 912 -28.99 21.04 3.55
CA ALA A 912 -28.83 19.62 3.42
C ALA A 912 -29.55 19.07 2.18
N LEU A 913 -30.54 19.80 1.69
CA LEU A 913 -31.19 19.39 0.46
C LEU A 913 -30.56 20.07 -0.73
N ASN A 914 -30.29 21.37 -0.65
CA ASN A 914 -29.51 22.01 -1.72
C ASN A 914 -28.36 21.10 -2.02
N SER A 915 -27.76 20.60 -0.95
CA SER A 915 -26.41 20.02 -0.99
C SER A 915 -26.31 18.64 -1.69
N LEU A 916 -27.47 18.03 -1.98
CA LEU A 916 -27.55 16.76 -2.73
C LEU A 916 -26.92 16.86 -4.12
N SER A 917 -26.85 18.07 -4.64
CA SER A 917 -26.23 18.32 -5.92
C SER A 917 -25.57 19.70 -5.93
N GLU A 918 -24.28 19.71 -6.21
CA GLU A 918 -23.51 20.93 -6.27
C GLU A 918 -24.11 21.94 -7.25
N ASN A 919 -24.73 21.45 -8.32
CA ASN A 919 -25.15 22.34 -9.37
C ASN A 919 -26.56 22.12 -9.95
N GLN A 920 -27.04 20.87 -9.98
CA GLN A 920 -28.35 20.60 -10.59
C GLN A 920 -29.55 20.94 -9.72
N SER A 921 -30.15 22.09 -10.06
CA SER A 921 -31.19 22.73 -9.28
C SER A 921 -32.18 21.72 -8.70
N LEU A 922 -32.69 22.00 -7.49
CA LEU A 922 -33.55 21.06 -6.78
C LEU A 922 -34.74 20.75 -7.64
N MET A 923 -34.92 21.58 -8.66
CA MET A 923 -35.97 21.39 -9.64
C MET A 923 -35.73 20.10 -10.43
N ARG A 924 -34.52 19.97 -10.95
CA ARG A 924 -34.22 18.88 -11.89
C ARG A 924 -33.74 17.59 -11.22
N MET A 925 -33.12 17.70 -10.04
CA MET A 925 -32.82 16.50 -9.24
C MET A 925 -33.67 16.50 -7.99
N PRO A 926 -34.80 15.78 -8.02
CA PRO A 926 -35.77 15.90 -6.93
C PRO A 926 -35.14 15.63 -5.54
N PRO A 927 -35.64 16.31 -4.52
CA PRO A 927 -35.02 16.31 -3.20
C PRO A 927 -35.55 15.20 -2.34
N TRP A 928 -36.30 14.31 -2.97
CA TRP A 928 -36.67 13.08 -2.28
C TRP A 928 -35.62 11.99 -2.47
N VAL A 929 -34.72 12.16 -3.45
CA VAL A 929 -33.73 11.13 -3.88
C VAL A 929 -32.98 10.31 -2.81
N ASN A 930 -32.10 10.95 -2.06
CA ASN A 930 -31.47 10.32 -0.91
C ASN A 930 -32.41 10.36 0.30
N ILE A 931 -32.88 9.19 0.70
CA ILE A 931 -33.91 9.06 1.72
C ILE A 931 -33.34 9.21 3.10
N TRP A 932 -32.16 8.63 3.21
CA TRP A 932 -31.37 8.59 4.40
C TRP A 932 -31.08 10.00 4.84
N LEU A 933 -31.02 10.93 3.90
CA LEU A 933 -30.76 12.29 4.28
C LEU A 933 -32.03 12.91 4.91
N LEU A 934 -33.19 12.64 4.31
CA LEU A 934 -34.45 13.11 4.88
C LEU A 934 -34.66 12.38 6.18
N GLY A 935 -34.31 11.09 6.18
CA GLY A 935 -34.36 10.31 7.40
C GLY A 935 -33.61 11.10 8.45
N SER A 936 -32.35 11.33 8.14
CA SER A 936 -31.43 12.11 8.94
C SER A 936 -32.00 13.44 9.43
N ILE A 937 -32.77 14.12 8.58
CA ILE A 937 -33.42 15.39 8.94
C ILE A 937 -34.52 15.24 9.97
N CYS A 938 -35.25 14.14 9.92
CA CYS A 938 -36.19 13.80 10.97
C CYS A 938 -35.46 13.46 12.25
N LEU A 939 -34.44 12.60 12.18
CA LEU A 939 -33.65 12.37 13.40
C LEU A 939 -33.21 13.71 14.00
N SER A 940 -32.75 14.60 13.13
CA SER A 940 -32.16 15.84 13.59
C SER A 940 -33.23 16.74 14.14
N MET A 941 -34.38 16.70 13.47
CA MET A 941 -35.49 17.63 13.74
C MET A 941 -36.10 17.29 15.08
N SER A 942 -36.50 16.03 15.21
CA SER A 942 -36.93 15.45 16.48
C SER A 942 -35.91 15.67 17.62
N LEU A 943 -34.64 15.39 17.40
CA LEU A 943 -33.64 15.72 18.40
C LEU A 943 -33.73 17.19 18.79
N HIS A 944 -34.02 18.06 17.84
CA HIS A 944 -34.07 19.47 18.11
C HIS A 944 -35.25 19.76 19.06
N PHE A 945 -36.26 18.90 19.00
CA PHE A 945 -37.39 19.05 19.91
C PHE A 945 -37.06 18.45 21.27
N LEU A 946 -36.27 17.39 21.29
CA LEU A 946 -35.89 16.80 22.57
C LEU A 946 -35.27 17.89 23.47
N ILE A 947 -34.55 18.84 22.87
CA ILE A 947 -33.91 19.90 23.65
C ILE A 947 -34.85 21.06 23.91
N LEU A 948 -36.07 20.97 23.37
CA LEU A 948 -37.11 21.99 23.62
C LEU A 948 -38.19 21.52 24.58
N TYR A 949 -38.30 20.19 24.73
CA TYR A 949 -39.41 19.55 25.42
C TYR A 949 -39.01 18.59 26.55
N VAL A 950 -38.08 17.66 26.27
CA VAL A 950 -37.62 16.69 27.28
C VAL A 950 -37.06 17.39 28.50
N ASP A 951 -37.72 17.16 29.62
CA ASP A 951 -37.67 18.12 30.72
C ASP A 951 -36.31 18.80 30.97
N PRO A 952 -35.24 18.03 31.25
CA PRO A 952 -34.06 18.75 31.74
C PRO A 952 -33.37 19.67 30.69
N LEU A 953 -33.37 19.26 29.41
CA LEU A 953 -32.60 19.89 28.34
C LEU A 953 -32.81 21.40 28.16
N PRO A 954 -34.07 21.88 28.32
CA PRO A 954 -34.25 23.27 27.90
C PRO A 954 -33.65 24.29 28.87
N MET A 955 -32.88 23.81 29.85
CA MET A 955 -32.16 24.74 30.74
C MET A 955 -30.68 24.80 30.38
N ILE A 956 -30.09 23.68 30.01
CA ILE A 956 -28.68 23.75 29.72
C ILE A 956 -28.43 24.69 28.52
N PHE A 957 -29.20 24.44 27.46
CA PHE A 957 -29.01 25.11 26.18
C PHE A 957 -29.83 26.36 26.18
N LYS A 958 -30.47 26.61 27.33
CA LYS A 958 -31.38 27.70 27.57
C LYS A 958 -32.36 27.95 26.42
N LEU A 959 -33.42 27.13 26.36
CA LEU A 959 -34.47 27.28 25.33
C LEU A 959 -35.91 27.40 25.91
N LYS A 960 -36.90 27.63 25.02
CA LYS A 960 -38.34 27.43 25.33
C LYS A 960 -39.10 27.02 24.06
N ALA A 961 -39.91 25.96 24.12
CA ALA A 961 -40.63 25.47 22.93
C ALA A 961 -41.46 26.60 22.32
N LEU A 962 -41.59 26.62 21.00
CA LEU A 962 -42.13 27.82 20.35
C LEU A 962 -43.61 27.75 19.96
N ASP A 963 -44.26 28.91 19.92
CA ASP A 963 -45.65 29.07 19.48
C ASP A 963 -45.73 28.67 18.01
N LEU A 964 -46.88 28.17 17.57
CA LEU A 964 -47.08 27.79 16.17
C LEU A 964 -46.71 28.95 15.26
N THR A 965 -47.07 30.16 15.73
CA THR A 965 -46.78 31.41 15.04
C THR A 965 -45.27 31.56 14.95
N GLN A 966 -44.60 31.20 16.04
CA GLN A 966 -43.16 31.33 16.17
C GLN A 966 -42.38 30.56 15.08
N TRP A 967 -42.61 29.26 14.99
CA TRP A 967 -41.99 28.42 13.98
C TRP A 967 -42.27 28.96 12.57
N LEU A 968 -43.53 29.32 12.35
CA LEU A 968 -44.00 29.75 11.04
C LEU A 968 -43.27 31.02 10.57
N MET A 969 -42.59 31.68 11.51
CA MET A 969 -41.68 32.78 11.20
C MET A 969 -40.28 32.22 10.93
N VAL A 970 -39.81 31.39 11.85
CA VAL A 970 -38.56 30.68 11.64
C VAL A 970 -38.56 30.11 10.21
N LEU A 971 -39.71 29.55 9.83
CA LEU A 971 -39.94 28.94 8.53
C LEU A 971 -40.04 29.95 7.36
N LYS A 972 -40.50 31.16 7.64
CA LYS A 972 -40.60 32.25 6.64
C LYS A 972 -39.19 32.80 6.35
N ILE A 973 -38.24 32.56 7.26
CA ILE A 973 -36.91 33.14 7.10
C ILE A 973 -35.86 32.12 6.65
N SER A 974 -36.26 30.86 6.70
CA SER A 974 -35.36 29.77 6.35
C SER A 974 -35.61 29.29 4.92
N LEU A 975 -36.89 29.15 4.56
CA LEU A 975 -37.26 28.62 3.24
C LEU A 975 -36.68 29.38 2.04
N PRO A 976 -36.57 30.71 2.13
CA PRO A 976 -35.83 31.40 1.08
C PRO A 976 -34.40 30.87 0.79
N VAL A 977 -33.67 30.39 1.80
CA VAL A 977 -32.35 29.85 1.53
C VAL A 977 -32.32 29.14 0.19
N ILE A 978 -33.32 28.30 -0.06
CA ILE A 978 -33.33 27.48 -1.26
C ILE A 978 -33.22 28.25 -2.57
N GLY A 979 -34.06 29.28 -2.74
CA GLY A 979 -33.99 30.14 -3.91
C GLY A 979 -32.68 30.92 -3.97
N LEU A 980 -31.88 30.83 -2.92
CA LEU A 980 -30.60 31.55 -2.85
C LEU A 980 -29.50 30.71 -3.49
N ASP A 981 -29.35 29.49 -3.01
CA ASP A 981 -28.41 28.59 -3.66
C ASP A 981 -28.84 28.47 -5.12
N GLU A 982 -30.16 28.56 -5.35
CA GLU A 982 -30.71 28.33 -6.66
C GLU A 982 -30.20 29.39 -7.65
N ILE A 983 -30.20 30.64 -7.22
CA ILE A 983 -29.63 31.69 -8.05
C ILE A 983 -28.13 31.42 -8.28
N LEU A 984 -27.51 30.80 -7.31
CA LEU A 984 -26.12 30.37 -7.47
C LEU A 984 -26.01 29.07 -8.33
N LYS A 985 -27.13 28.39 -8.55
CA LYS A 985 -27.17 27.13 -9.33
C LYS A 985 -27.67 27.30 -10.76
N PHE A 986 -28.45 28.36 -10.99
CA PHE A 986 -28.71 28.78 -12.36
C PHE A 986 -27.41 29.35 -12.95
N ILE A 987 -26.83 30.29 -12.21
CA ILE A 987 -25.64 31.03 -12.61
C ILE A 987 -24.48 30.07 -12.89
N ALA A 988 -24.41 29.01 -12.10
CA ALA A 988 -23.42 28.01 -12.33
C ALA A 988 -23.77 27.26 -13.61
N ARG A 989 -24.92 26.58 -13.62
CA ARG A 989 -25.24 25.71 -14.75
C ARG A 989 -25.13 26.47 -16.07
N ASN A 990 -25.30 27.79 -16.01
CA ASN A 990 -25.33 28.60 -17.21
C ASN A 990 -24.25 29.68 -17.31
N TYR A 991 -24.63 30.93 -16.98
CA TYR A 991 -23.77 32.11 -17.17
C TYR A 991 -22.47 32.04 -16.38
N LEU A 992 -21.82 30.88 -16.42
CA LEU A 992 -20.59 30.62 -15.69
C LEU A 992 -19.68 29.68 -16.47
N GLU A 993 -20.03 28.41 -16.55
CA GLU A 993 -19.27 27.48 -17.36
C GLU A 993 -20.10 26.31 -17.88
N GLY A 994 -20.62 26.49 -19.10
CA GLY A 994 -21.45 25.49 -19.75
C GLY A 994 -22.27 26.10 -20.87
MG MG B . 7.71 -9.67 -5.68
MG MF4 C . 10.31 -8.47 -7.94
F1 MF4 C . 11.52 -7.12 -7.22
F2 MF4 C . 11.77 -9.73 -8.53
F3 MF4 C . 9.44 -8.30 -9.69
F4 MF4 C . 9.28 -9.76 -6.84
K K D . 3.29 4.62 2.43
MG MG E . -6.88 14.79 15.47
O2 CZA F . -8.09 16.63 14.52
C6 CZA F . -8.97 17.14 15.25
C3 CZA F . -9.23 17.13 16.71
C2 CZA F . -8.33 16.66 17.78
O1 CZA F . -7.56 15.77 17.51
C1 CZA F . -8.76 16.86 19.27
C5 CZA F . -9.90 18.23 14.76
C7 CZA F . -9.24 19.57 14.48
C15 CZA F . -8.64 19.77 13.12
C16 CZA F . -7.40 19.77 12.59
N2 CZA F . -7.47 20.10 11.23
C17 CZA F . -8.78 20.32 10.83
C14 CZA F . -9.49 20.13 12.04
C18 CZA F . -9.49 20.71 9.66
C19 CZA F . -10.92 20.83 9.69
C20 CZA F . -11.60 20.59 10.91
C13 CZA F . -10.87 20.27 12.07
C12 CZA F . -11.48 19.99 13.42
C8 CZA F . -10.56 20.39 14.64
C9 CZA F . -11.13 19.94 16.04
C10 CZA F . -10.59 20.71 17.24
C11 CZA F . -12.66 19.94 16.14
N1 CZA F . -10.66 18.56 15.96
C4 CZA F . -10.47 17.64 16.90
O3 CZA F . -11.15 17.69 18.07
PG ATP G . 22.03 -13.95 -13.69
O1G ATP G . 20.76 -13.71 -12.63
O2G ATP G . 23.38 -14.12 -12.79
O3G ATP G . 22.29 -12.78 -14.53
PB ATP G . 22.36 -16.68 -15.09
O1B ATP G . 23.34 -16.60 -16.42
O2B ATP G . 21.29 -17.60 -15.46
O3B ATP G . 21.61 -15.21 -14.71
PA ATP G . 23.92 -18.83 -13.79
O1A ATP G . 24.67 -19.09 -15.24
O2A ATP G . 25.02 -18.71 -12.80
O3A ATP G . 23.14 -17.35 -13.77
O5' ATP G . 22.77 -20.02 -13.34
C5' ATP G . 22.61 -21.33 -13.90
C4' ATP G . 22.53 -21.61 -15.45
O4' ATP G . 22.78 -22.96 -16.00
C3' ATP G . 21.31 -21.16 -16.29
O3' ATP G . 20.69 -19.88 -16.13
C2' ATP G . 20.43 -22.44 -16.22
O2' ATP G . 19.26 -22.61 -16.97
C1' ATP G . 21.45 -23.57 -15.95
N9 ATP G . 21.17 -24.30 -14.68
C8 ATP G . 21.24 -23.86 -13.42
N7 ATP G . 20.92 -24.88 -12.47
C5 ATP G . 20.67 -26.04 -13.25
C6 ATP G . 20.30 -27.41 -12.94
N6 ATP G . 20.16 -27.85 -11.59
N1 ATP G . 20.03 -28.32 -13.90
C2 ATP G . 20.18 -27.98 -15.18
N3 ATP G . 20.55 -26.66 -15.47
C4 ATP G . 20.78 -25.70 -14.55
#